data_8YNT
#
_entry.id   8YNT
#
_cell.length_a   1.00
_cell.length_b   1.00
_cell.length_c   1.00
_cell.angle_alpha   90.00
_cell.angle_beta   90.00
_cell.angle_gamma   90.00
#
_symmetry.space_group_name_H-M   'P 1'
#
loop_
_entity.id
_entity.type
_entity.pdbx_description
1 polymer 'Antibody 1B3 Fab heavy chain'
2 polymer 'Antibody 1B3 Fab light chain'
3 polymer 'Glue molecule 4-9'
4 polymer 'Melanin-concentrating hormone receptor 1,Soluble cytochrome b562'
5 non-polymer ~{N}-[3-[1-[[4-[3,4-bis(fluoranyl)phenoxy]phenyl]methyl]piperidin-4-yl]-4-methyl-phenyl]-2-methyl-propanamide
#
loop_
_entity_poly.entity_id
_entity_poly.type
_entity_poly.pdbx_seq_one_letter_code
_entity_poly.pdbx_strand_id
1 'polypeptide(L)'
;EISEVQLVESGGGLVQPGGSLRLSCAASGFNIYYSSMHWVRQAPGKGLEWVASISPYSGSTYYADSVKGRFTISADTSKN
TAYLQMNSLRAEDTAVYYCARPWYPWSYWSGLDYWGQGTLVTVSSASTKGPSVFPLAPSSKSTSGGTAALGCLVKDYFPE
PVTVSWNSGALTSGVHTFPAVLQSSGLYSLSSVVTVPSSSLGTQTYICNVNHKPSNTKVDKKVEPKSCGSLEHHHHHH
;
H
2 'polypeptide(L)'
;DIQMTQSPSSLSASVGDRVTITCRASQSVSSAVAWYQQKPGKAPKLLIYSASSLYSGVPSRFSGSRSGTDFTLTISSLQP
EDFATYYCQQPWSWGSALITFGQGTKVEIKRTVAAPSVFIFPPSDSQLKSGTASVVCLLNNFYPREAKVQWKVDNALQSG
NSQESVTEQDSKDSTYSLSSTLTLSKADYEKHKVYACEVTHQGLSSPVTKSFNRGECGGS
;
L
3 'polypeptide(L)'
;EIAALEKEIAALEKEIAALEKGSGSQVQLQESGGGLVQPGGSLRLSCAASGRTISRYAMSWFRQAPGKEREFVAVARRSG
DGAFYADSVQGRFTVSRDDAKNTVYLQMNSLKPEDTAVYYCAIDSDTFYSGSYDYWGQGTQVTVSSGASGSASSGEVQLQ
ESGGGLVQPGGSLRLSCTASGVTISALNAMAMGWYRQAPGERRVMVAAVSERGNAMYRESVQGRFTVTRDFTNKMVSLQM
DNLKPEDTAVYYCHVLEDRVDSFHDYWGQGTQVTVSSLEHHHHHH
;
N
4 'polypeptide(L)'
;DYKDDDDMGQPGNGSAFLLAPNGSHAPDHDVTQQRDEENLYFQGVDMSVGAMKKGVGRAVGLGGGSGCQATEEDPLPNCG
ACAPGQGGRRWRLPQPAWVEGSSARLWEQATGTGWMDLEASLLPTGPNASNTSDGPDNLTSAGSPPRTGSISYINIIMPS
VFGTICLLGIIGNSTVIFAVVKKSKLHWCNNVPDIFIINLSVVDLLFLLGMPFMIHQLMGNGVWHFGETMCTLITAMDAN
SQFTSTYILTAMAIDRYLATVHPISSTKFRKPSVATLVICLLWALSFISITPVWLYARLIPFPGGAVGCGIRLPNPDTDL
YWFTLYQFFLAFALPFVVITAAYVRILQRMKRQLADLEDNWETLNDNLKVIEKADNAAQVKDALTKMRAAALDAQKASGS
GSPEMKDFRHGFDILVGQIDDALKLANEGKVKEAQAAAEQLKTTRNAYIQKYLLIRLRTKRVTRTAIAICLVFFVCWAPY
YVLQLTQLSISRPTLTFVYLYNAAISLGYANSCLNPFVYIVLCETFRKRLVLSVKIAALKEKIAALKEKIAALKEAEEKR
ASRLEEELRRRLTEAAAHHHHHHHH
;
R
#
loop_
_chem_comp.id
_chem_comp.type
_chem_comp.name
_chem_comp.formula
A1D6T non-polymer ~{N}-[3-[1-[[4-[3,4-bis(fluoranyl)phenoxy]phenyl]methyl]piperidin-4-yl]-4-methyl-phenyl]-2-methyl-propanamide 'C29 H32 F2 N2 O2'
#
# COMPACT_ATOMS: atom_id res chain seq x y z
N GLU A 4 15.60 -15.26 37.73
CA GLU A 4 15.59 -15.06 36.28
C GLU A 4 14.25 -15.47 35.69
N VAL A 5 13.73 -14.66 34.77
CA VAL A 5 12.44 -14.93 34.13
C VAL A 5 12.68 -15.87 32.94
N GLN A 6 11.98 -16.99 32.94
CA GLN A 6 12.05 -17.97 31.86
C GLN A 6 10.63 -18.29 31.39
N LEU A 7 10.45 -18.38 30.08
CA LEU A 7 9.15 -18.67 29.48
C LEU A 7 9.30 -19.87 28.55
N VAL A 8 8.84 -21.03 29.01
CA VAL A 8 8.91 -22.28 28.25
C VAL A 8 7.55 -22.52 27.61
N GLU A 9 7.56 -22.86 26.32
CA GLU A 9 6.35 -22.99 25.55
C GLU A 9 6.23 -24.39 24.97
N SER A 10 5.01 -24.76 24.61
CA SER A 10 4.72 -26.06 24.01
C SER A 10 3.38 -25.98 23.30
N GLY A 11 2.98 -27.09 22.69
CA GLY A 11 1.71 -27.19 22.00
C GLY A 11 1.79 -27.00 20.50
N GLY A 12 2.89 -26.46 19.99
CA GLY A 12 3.01 -26.26 18.56
C GLY A 12 3.20 -27.57 17.81
N GLY A 13 2.67 -27.61 16.59
CA GLY A 13 2.80 -28.80 15.77
C GLY A 13 1.93 -28.70 14.54
N LEU A 14 1.66 -29.85 13.93
CA LEU A 14 0.85 -29.91 12.72
C LEU A 14 -0.63 -29.92 13.08
N VAL A 15 -1.42 -29.19 12.28
CA VAL A 15 -2.86 -29.13 12.46
C VAL A 15 -3.52 -28.73 11.14
N GLN A 16 -4.56 -29.46 10.75
CA GLN A 16 -5.25 -29.19 9.51
C GLN A 16 -6.06 -27.89 9.61
N PRO A 17 -6.38 -27.26 8.48
CA PRO A 17 -7.17 -26.03 8.52
C PRO A 17 -8.51 -26.25 9.21
N GLY A 18 -8.93 -25.26 9.99
CA GLY A 18 -10.16 -25.35 10.76
C GLY A 18 -10.04 -26.11 12.06
N GLY A 19 -8.86 -26.62 12.39
CA GLY A 19 -8.67 -27.38 13.61
C GLY A 19 -8.49 -26.50 14.82
N SER A 20 -8.33 -27.16 15.96
CA SER A 20 -8.14 -26.48 17.25
C SER A 20 -6.79 -26.86 17.80
N LEU A 21 -6.03 -25.86 18.25
CA LEU A 21 -4.70 -26.09 18.82
C LEU A 21 -4.51 -25.13 19.97
N ARG A 22 -4.30 -25.67 21.17
CA ARG A 22 -4.11 -24.86 22.37
C ARG A 22 -2.62 -24.76 22.66
N LEU A 23 -2.08 -23.55 22.56
CA LEU A 23 -0.67 -23.29 22.82
C LEU A 23 -0.48 -22.94 24.29
N SER A 24 0.53 -23.54 24.91
CA SER A 24 0.82 -23.34 26.32
C SER A 24 2.15 -22.60 26.49
N CYS A 25 2.21 -21.72 27.48
CA CYS A 25 3.40 -20.92 27.76
C CYS A 25 3.68 -20.99 29.27
N ALA A 26 4.48 -21.96 29.67
CA ALA A 26 4.84 -22.09 31.08
C ALA A 26 5.73 -20.93 31.51
N ALA A 27 5.45 -20.39 32.68
CA ALA A 27 6.17 -19.23 33.20
C ALA A 27 6.84 -19.60 34.52
N SER A 28 8.13 -19.27 34.63
CA SER A 28 8.89 -19.53 35.84
C SER A 28 9.66 -18.28 36.24
N GLY A 29 9.89 -18.13 37.55
CA GLY A 29 10.59 -16.98 38.08
C GLY A 29 9.70 -15.82 38.46
N PHE A 30 8.40 -15.89 38.20
CA PHE A 30 7.49 -14.81 38.55
C PHE A 30 6.08 -15.38 38.62
N ASN A 31 5.17 -14.58 39.20
CA ASN A 31 3.77 -14.95 39.30
C ASN A 31 3.01 -14.35 38.13
N ILE A 32 2.28 -15.19 37.40
CA ILE A 32 1.59 -14.75 36.19
C ILE A 32 0.40 -13.85 36.50
N TYR A 33 -0.07 -13.82 37.75
CA TYR A 33 -1.25 -13.06 38.08
C TYR A 33 -1.01 -11.57 37.88
N TYR A 34 0.09 -11.05 38.42
CA TYR A 34 0.42 -9.63 38.27
C TYR A 34 1.43 -9.46 37.13
N SER A 35 0.93 -9.70 35.91
CA SER A 35 1.74 -9.56 34.71
C SER A 35 0.80 -9.43 33.52
N SER A 36 1.40 -9.33 32.33
CA SER A 36 0.64 -9.22 31.08
C SER A 36 1.32 -10.09 30.04
N MET A 37 0.72 -11.24 29.74
CA MET A 37 1.29 -12.18 28.78
C MET A 37 0.79 -11.84 27.39
N HIS A 38 1.72 -11.61 26.46
CA HIS A 38 1.41 -11.27 25.08
C HIS A 38 1.91 -12.38 24.16
N TRP A 39 1.11 -12.69 23.15
CA TRP A 39 1.47 -13.68 22.15
C TRP A 39 1.81 -12.96 20.85
N VAL A 40 3.05 -13.14 20.38
CA VAL A 40 3.53 -12.52 19.15
C VAL A 40 3.92 -13.63 18.19
N ARG A 41 3.41 -13.56 16.96
CA ARG A 41 3.72 -14.56 15.94
C ARG A 41 4.54 -13.92 14.83
N GLN A 42 5.43 -14.72 14.26
CA GLN A 42 6.30 -14.29 13.17
C GLN A 42 6.20 -15.30 12.04
N ALA A 43 5.50 -14.91 10.97
CA ALA A 43 5.37 -15.80 9.83
C ALA A 43 6.73 -16.07 9.20
N PRO A 44 6.95 -17.27 8.66
CA PRO A 44 8.27 -17.59 8.08
C PRO A 44 8.64 -16.62 6.97
N GLY A 45 9.71 -15.86 7.21
CA GLY A 45 10.17 -14.85 6.28
C GLY A 45 9.52 -13.49 6.47
N LYS A 46 8.59 -13.35 7.38
CA LYS A 46 7.91 -12.09 7.65
C LYS A 46 8.37 -11.52 8.99
N GLY A 47 7.87 -10.31 9.29
CA GLY A 47 8.20 -9.64 10.53
C GLY A 47 7.28 -10.03 11.67
N LEU A 48 7.60 -9.51 12.85
CA LEU A 48 6.81 -9.78 14.04
C LEU A 48 5.42 -9.19 13.91
N GLU A 49 4.43 -9.94 14.38
CA GLU A 49 3.04 -9.48 14.38
C GLU A 49 2.40 -9.83 15.71
N TRP A 50 1.65 -8.87 16.27
CA TRP A 50 0.98 -9.08 17.54
C TRP A 50 -0.30 -9.89 17.34
N VAL A 51 -0.65 -10.68 18.35
CA VAL A 51 -1.81 -11.57 18.26
C VAL A 51 -2.82 -11.26 19.35
N ALA A 52 -2.42 -11.42 20.60
CA ALA A 52 -3.35 -11.26 21.71
C ALA A 52 -2.58 -10.96 22.99
N SER A 53 -3.32 -10.50 24.00
CA SER A 53 -2.76 -10.24 25.32
C SER A 53 -3.84 -10.45 26.36
N ILE A 54 -3.41 -10.70 27.60
CA ILE A 54 -4.32 -10.90 28.71
C ILE A 54 -3.67 -10.36 29.97
N SER A 55 -4.48 -9.75 30.84
CA SER A 55 -4.03 -9.31 32.15
C SER A 55 -4.76 -10.13 33.20
N PRO A 56 -4.16 -11.18 33.77
CA PRO A 56 -4.88 -12.02 34.72
C PRO A 56 -5.38 -11.28 35.94
N TYR A 57 -4.67 -10.25 36.41
CA TYR A 57 -5.11 -9.54 37.61
C TYR A 57 -6.45 -8.83 37.39
N SER A 58 -6.61 -8.19 36.23
CA SER A 58 -7.86 -7.48 35.93
C SER A 58 -8.80 -8.26 35.03
N GLY A 59 -8.30 -9.24 34.28
CA GLY A 59 -9.12 -9.99 33.38
C GLY A 59 -9.33 -9.37 32.01
N SER A 60 -8.81 -8.17 31.80
CA SER A 60 -8.96 -7.52 30.50
C SER A 60 -8.17 -8.29 29.44
N THR A 61 -8.77 -8.45 28.27
CA THR A 61 -8.19 -9.26 27.20
C THR A 61 -8.35 -8.53 25.88
N TYR A 62 -7.24 -8.30 25.19
CA TYR A 62 -7.24 -7.62 23.90
C TYR A 62 -6.84 -8.60 22.81
N TYR A 63 -7.34 -8.36 21.60
CA TYR A 63 -7.00 -9.16 20.44
C TYR A 63 -6.68 -8.26 19.26
N ALA A 64 -5.86 -8.77 18.35
CA ALA A 64 -5.67 -8.08 17.08
C ALA A 64 -6.90 -8.27 16.20
N ASP A 65 -7.07 -7.34 15.25
CA ASP A 65 -8.24 -7.41 14.38
C ASP A 65 -8.23 -8.66 13.51
N SER A 66 -7.04 -9.05 13.04
CA SER A 66 -6.94 -10.18 12.11
C SER A 66 -7.25 -11.52 12.76
N VAL A 67 -7.23 -11.59 14.10
CA VAL A 67 -7.47 -12.86 14.78
C VAL A 67 -8.56 -12.72 15.84
N LYS A 68 -9.29 -11.61 15.82
CA LYS A 68 -10.33 -11.41 16.81
C LYS A 68 -11.52 -12.31 16.51
N GLY A 69 -12.01 -13.02 17.54
CA GLY A 69 -13.12 -13.93 17.40
C GLY A 69 -12.74 -15.34 17.05
N ARG A 70 -11.52 -15.58 16.59
CA ARG A 70 -11.02 -16.91 16.27
C ARG A 70 -10.15 -17.50 17.36
N PHE A 71 -9.36 -16.67 18.03
CA PHE A 71 -8.52 -17.11 19.14
C PHE A 71 -9.18 -16.77 20.47
N THR A 72 -8.71 -17.44 21.52
CA THR A 72 -9.23 -17.20 22.88
C THR A 72 -8.07 -17.43 23.85
N ILE A 73 -7.39 -16.33 24.20
CA ILE A 73 -6.26 -16.40 25.11
C ILE A 73 -6.77 -16.37 26.55
N SER A 74 -6.20 -17.24 27.39
CA SER A 74 -6.60 -17.33 28.78
C SER A 74 -5.38 -17.70 29.61
N ALA A 75 -5.50 -17.52 30.92
CA ALA A 75 -4.42 -17.80 31.85
C ALA A 75 -4.92 -18.66 32.99
N ASP A 76 -4.01 -19.47 33.54
CA ASP A 76 -4.31 -20.35 34.67
C ASP A 76 -3.32 -20.03 35.79
N THR A 77 -3.78 -19.22 36.75
CA THR A 77 -2.90 -18.82 37.85
C THR A 77 -2.50 -20.01 38.71
N SER A 78 -3.35 -21.03 38.80
CA SER A 78 -3.01 -22.21 39.59
C SER A 78 -1.80 -22.93 39.01
N LYS A 79 -1.75 -23.08 37.69
CA LYS A 79 -0.64 -23.75 37.03
C LYS A 79 0.43 -22.78 36.52
N ASN A 80 0.23 -21.47 36.72
CA ASN A 80 1.22 -20.46 36.33
C ASN A 80 1.54 -20.54 34.84
N THR A 81 0.51 -20.79 34.03
CA THR A 81 0.67 -20.92 32.59
C THR A 81 -0.38 -20.07 31.88
N ALA A 82 -0.04 -19.64 30.66
CA ALA A 82 -0.95 -18.87 29.82
C ALA A 82 -1.24 -19.68 28.56
N TYR A 83 -2.52 -19.77 28.21
CA TYR A 83 -2.96 -20.55 27.07
C TYR A 83 -3.43 -19.64 25.93
N LEU A 84 -3.33 -20.15 24.71
CA LEU A 84 -3.86 -19.47 23.53
C LEU A 84 -4.67 -20.51 22.75
N GLN A 85 -5.99 -20.49 22.94
CA GLN A 85 -6.88 -21.42 22.25
C GLN A 85 -7.12 -20.91 20.84
N MET A 86 -6.65 -21.64 19.84
CA MET A 86 -6.77 -21.23 18.44
C MET A 86 -7.85 -22.06 17.76
N ASN A 87 -8.78 -21.38 17.10
CA ASN A 87 -9.87 -22.03 16.37
C ASN A 87 -9.96 -21.44 14.98
N SER A 88 -10.50 -22.23 14.05
CA SER A 88 -10.65 -21.84 12.65
C SER A 88 -9.31 -21.43 12.05
N LEU A 89 -8.30 -22.26 12.27
CA LEU A 89 -6.97 -21.99 11.75
C LEU A 89 -6.99 -21.99 10.23
N ARG A 90 -6.22 -21.08 9.64
CA ARG A 90 -6.11 -20.92 8.20
C ARG A 90 -4.68 -21.18 7.77
N ALA A 91 -4.42 -21.00 6.46
CA ALA A 91 -3.08 -21.23 5.94
C ALA A 91 -2.10 -20.18 6.44
N GLU A 92 -2.55 -18.92 6.55
CA GLU A 92 -1.65 -17.84 6.96
C GLU A 92 -1.34 -17.86 8.45
N ASP A 93 -2.02 -18.70 9.24
CA ASP A 93 -1.71 -18.77 10.66
C ASP A 93 -0.41 -19.53 10.93
N THR A 94 0.17 -20.17 9.92
CA THR A 94 1.43 -20.87 10.11
C THR A 94 2.53 -19.85 10.42
N ALA A 95 3.12 -19.96 11.60
CA ALA A 95 4.12 -19.01 12.07
C ALA A 95 4.76 -19.59 13.32
N VAL A 96 5.64 -18.82 13.93
CA VAL A 96 6.27 -19.15 15.21
C VAL A 96 5.70 -18.20 16.25
N TYR A 97 5.06 -18.76 17.28
CA TYR A 97 4.35 -17.98 18.28
C TYR A 97 5.21 -17.84 19.53
N TYR A 98 5.62 -16.62 19.83
CA TYR A 98 6.33 -16.30 21.06
C TYR A 98 5.35 -15.76 22.08
N CYS A 99 5.59 -16.07 23.34
CA CYS A 99 4.86 -15.44 24.44
C CYS A 99 5.82 -14.53 25.19
N ALA A 100 5.49 -13.24 25.22
CA ALA A 100 6.36 -12.23 25.80
C ALA A 100 5.57 -11.40 26.80
N ARG A 101 6.27 -10.92 27.83
CA ARG A 101 5.66 -10.03 28.80
C ARG A 101 6.58 -8.85 29.05
N PRO A 102 6.02 -7.68 29.33
CA PRO A 102 6.83 -6.51 29.65
C PRO A 102 7.37 -6.57 31.07
N TRP A 103 8.28 -5.64 31.37
CA TRP A 103 8.85 -5.56 32.71
C TRP A 103 7.77 -5.33 33.75
N TYR A 104 6.91 -4.32 33.51
CA TYR A 104 5.76 -4.06 34.34
C TYR A 104 4.48 -4.44 33.59
N PRO A 105 3.44 -4.86 34.30
CA PRO A 105 2.20 -5.27 33.61
C PRO A 105 1.56 -4.15 32.82
N TRP A 106 1.86 -2.89 33.12
CA TRP A 106 1.27 -1.74 32.45
C TRP A 106 2.23 -1.06 31.48
N SER A 107 3.40 -1.65 31.23
CA SER A 107 4.42 -1.03 30.39
C SER A 107 4.60 -1.77 29.08
N TYR A 108 3.52 -2.33 28.52
CA TYR A 108 3.62 -3.02 27.24
C TYR A 108 3.85 -2.08 26.07
N TRP A 109 3.67 -0.77 26.27
CA TRP A 109 4.00 0.22 25.24
C TRP A 109 5.45 0.67 25.31
N SER A 110 6.19 0.28 26.35
CA SER A 110 7.61 0.58 26.46
C SER A 110 8.47 -0.59 26.04
N GLY A 111 7.88 -1.66 25.54
CA GLY A 111 8.66 -2.79 25.06
C GLY A 111 8.44 -4.05 25.86
N LEU A 112 8.45 -5.19 25.18
CA LEU A 112 8.29 -6.50 25.82
C LEU A 112 9.69 -7.01 26.17
N ASP A 113 10.08 -6.83 27.42
CA ASP A 113 11.46 -7.13 27.81
C ASP A 113 11.75 -8.63 27.73
N TYR A 114 10.91 -9.45 28.33
CA TYR A 114 11.15 -10.89 28.44
C TYR A 114 10.39 -11.64 27.35
N TRP A 115 11.10 -12.51 26.64
CA TRP A 115 10.54 -13.27 25.54
C TRP A 115 10.77 -14.76 25.76
N GLY A 116 9.84 -15.57 25.26
CA GLY A 116 9.98 -17.00 25.31
C GLY A 116 10.87 -17.53 24.21
N GLN A 117 11.06 -18.85 24.22
CA GLN A 117 11.87 -19.50 23.19
C GLN A 117 11.13 -19.61 21.87
N GLY A 118 9.82 -19.69 21.91
CA GLY A 118 9.03 -19.76 20.69
C GLY A 118 8.68 -21.18 20.31
N THR A 119 7.49 -21.35 19.74
CA THR A 119 7.02 -22.64 19.27
C THR A 119 6.44 -22.48 17.86
N LEU A 120 6.58 -23.53 17.06
CA LEU A 120 6.20 -23.50 15.66
C LEU A 120 4.83 -24.16 15.46
N VAL A 121 3.90 -23.43 14.86
CA VAL A 121 2.58 -23.94 14.50
C VAL A 121 2.52 -24.05 13.00
N THR A 122 2.35 -25.28 12.49
CA THR A 122 2.30 -25.54 11.06
C THR A 122 0.87 -25.95 10.69
N VAL A 123 0.22 -25.14 9.87
CA VAL A 123 -1.14 -25.41 9.41
C VAL A 123 -1.06 -25.72 7.92
N SER A 124 -1.37 -26.96 7.56
CA SER A 124 -1.34 -27.38 6.16
C SER A 124 -2.13 -28.67 6.02
N SER A 125 -2.91 -28.77 4.95
CA SER A 125 -3.74 -29.93 4.71
C SER A 125 -2.98 -31.08 4.07
N ALA A 126 -1.74 -30.87 3.67
CA ALA A 126 -0.96 -31.93 3.04
C ALA A 126 -0.56 -32.99 4.06
N SER A 127 -0.37 -34.21 3.58
CA SER A 127 0.04 -35.34 4.40
C SER A 127 1.55 -35.57 4.26
N THR A 128 2.08 -36.38 5.17
CA THR A 128 3.49 -36.71 5.18
C THR A 128 3.90 -37.42 3.90
N LYS A 129 4.75 -36.77 3.10
CA LYS A 129 5.19 -37.31 1.81
C LYS A 129 6.70 -37.23 1.72
N GLY A 130 7.31 -38.31 1.25
CA GLY A 130 8.75 -38.37 1.09
C GLY A 130 9.23 -37.51 -0.06
N PRO A 131 10.51 -37.14 -0.01
CA PRO A 131 11.07 -36.27 -1.06
C PRO A 131 11.23 -37.01 -2.38
N SER A 132 11.25 -36.22 -3.45
CA SER A 132 11.50 -36.71 -4.81
C SER A 132 12.80 -36.07 -5.29
N VAL A 133 13.91 -36.76 -5.05
CA VAL A 133 15.23 -36.20 -5.33
C VAL A 133 15.51 -36.28 -6.82
N PHE A 134 15.83 -35.13 -7.43
CA PHE A 134 16.19 -35.06 -8.83
C PHE A 134 17.56 -34.40 -8.96
N PRO A 135 18.50 -35.03 -9.65
CA PRO A 135 19.85 -34.45 -9.74
C PRO A 135 19.94 -33.37 -10.80
N LEU A 136 20.59 -32.25 -10.44
CA LEU A 136 20.89 -31.17 -11.37
C LEU A 136 22.27 -31.44 -11.93
N ALA A 137 22.33 -32.05 -13.11
CA ALA A 137 23.60 -32.44 -13.69
C ALA A 137 24.43 -31.21 -14.02
N PRO A 138 25.75 -31.25 -13.80
CA PRO A 138 26.58 -30.09 -14.14
C PRO A 138 26.61 -29.87 -15.64
N SER A 139 26.75 -28.60 -16.02
CA SER A 139 26.80 -28.26 -17.44
C SER A 139 27.99 -28.91 -18.11
N SER A 140 27.74 -29.60 -19.23
CA SER A 140 28.82 -30.26 -19.96
C SER A 140 29.81 -29.25 -20.52
N LYS A 141 29.32 -28.13 -21.04
CA LYS A 141 30.18 -27.09 -21.61
C LYS A 141 30.30 -25.96 -20.60
N SER A 142 31.22 -26.14 -19.65
CA SER A 142 31.52 -25.15 -18.64
C SER A 142 32.96 -24.67 -18.82
N THR A 143 33.42 -23.82 -17.89
CA THR A 143 34.78 -23.31 -17.94
C THR A 143 35.76 -24.45 -17.73
N SER A 144 36.67 -24.63 -18.69
CA SER A 144 37.61 -25.75 -18.62
C SER A 144 38.53 -25.64 -17.41
N GLY A 145 39.05 -24.44 -17.14
CA GLY A 145 39.90 -24.20 -15.99
C GLY A 145 39.23 -23.48 -14.84
N GLY A 146 37.91 -23.29 -14.90
CA GLY A 146 37.21 -22.57 -13.86
C GLY A 146 36.49 -23.47 -12.89
N THR A 147 35.24 -23.14 -12.57
CA THR A 147 34.45 -23.87 -11.60
C THR A 147 33.14 -24.31 -12.25
N ALA A 148 32.67 -25.49 -11.86
CA ALA A 148 31.41 -26.04 -12.35
C ALA A 148 30.45 -26.24 -11.19
N ALA A 149 29.16 -26.09 -11.47
CA ALA A 149 28.11 -26.16 -10.46
C ALA A 149 27.24 -27.38 -10.70
N LEU A 150 26.91 -28.09 -9.61
CA LEU A 150 26.01 -29.23 -9.67
C LEU A 150 25.28 -29.34 -8.34
N GLY A 151 24.10 -29.94 -8.37
CA GLY A 151 23.29 -30.02 -7.17
C GLY A 151 22.19 -31.04 -7.31
N CYS A 152 21.45 -31.22 -6.21
CA CYS A 152 20.31 -32.13 -6.15
C CYS A 152 19.06 -31.32 -5.82
N LEU A 153 18.02 -31.50 -6.64
CA LEU A 153 16.77 -30.78 -6.46
C LEU A 153 15.81 -31.63 -5.65
N VAL A 154 15.73 -31.34 -4.35
CA VAL A 154 14.76 -32.01 -3.48
C VAL A 154 13.41 -31.34 -3.66
N LYS A 155 12.43 -32.11 -4.12
CA LYS A 155 11.14 -31.55 -4.51
C LYS A 155 10.00 -32.33 -3.89
N ASP A 156 8.97 -31.60 -3.45
CA ASP A 156 7.69 -32.16 -2.99
C ASP A 156 7.90 -33.13 -1.82
N TYR A 157 8.33 -32.54 -0.70
CA TYR A 157 8.44 -33.25 0.56
C TYR A 157 7.69 -32.49 1.64
N PHE A 158 7.28 -33.22 2.69
CA PHE A 158 6.54 -32.61 3.79
C PHE A 158 6.57 -33.58 4.97
N PRO A 159 6.80 -33.10 6.19
CA PRO A 159 7.11 -31.72 6.58
C PRO A 159 8.60 -31.43 6.60
N GLU A 160 8.98 -30.19 6.89
CA GLU A 160 10.38 -29.84 7.02
C GLU A 160 10.98 -30.51 8.26
N PRO A 161 12.31 -30.68 8.30
CA PRO A 161 13.32 -30.35 7.28
C PRO A 161 13.93 -31.56 6.60
N VAL A 162 14.82 -31.34 5.65
CA VAL A 162 15.62 -32.39 5.02
C VAL A 162 17.09 -32.02 5.14
N THR A 163 17.90 -32.96 5.61
CA THR A 163 19.34 -32.75 5.76
C THR A 163 20.03 -33.25 4.50
N VAL A 164 20.59 -32.32 3.73
CA VAL A 164 21.26 -32.64 2.48
C VAL A 164 22.76 -32.50 2.70
N SER A 165 23.48 -33.62 2.54
CA SER A 165 24.93 -33.64 2.68
C SER A 165 25.53 -34.35 1.48
N TRP A 166 26.72 -33.90 1.07
CA TRP A 166 27.40 -34.41 -0.11
C TRP A 166 28.56 -35.30 0.32
N ASN A 167 28.61 -36.52 -0.24
CA ASN A 167 29.67 -37.48 0.05
C ASN A 167 29.78 -37.75 1.54
N SER A 168 28.64 -37.84 2.21
CA SER A 168 28.57 -38.14 3.65
C SER A 168 29.39 -37.14 4.47
N GLY A 169 29.33 -35.86 4.07
CA GLY A 169 30.03 -34.82 4.78
C GLY A 169 31.48 -34.62 4.37
N ALA A 170 32.00 -35.44 3.45
CA ALA A 170 33.37 -35.26 3.01
C ALA A 170 33.55 -33.98 2.21
N LEU A 171 32.49 -33.52 1.55
CA LEU A 171 32.52 -32.32 0.73
C LEU A 171 31.71 -31.23 1.41
N THR A 172 32.37 -30.14 1.80
CA THR A 172 31.71 -29.04 2.48
C THR A 172 32.01 -27.71 1.81
N SER A 173 33.18 -27.60 1.18
CA SER A 173 33.58 -26.36 0.53
C SER A 173 32.71 -26.11 -0.70
N GLY A 174 32.22 -24.88 -0.83
CA GLY A 174 31.40 -24.52 -1.97
C GLY A 174 29.99 -25.05 -1.96
N VAL A 175 29.53 -25.55 -0.82
CA VAL A 175 28.18 -26.14 -0.73
C VAL A 175 27.21 -25.07 -0.27
N HIS A 176 26.13 -24.89 -1.02
CA HIS A 176 25.06 -23.96 -0.68
C HIS A 176 23.75 -24.73 -0.63
N THR A 177 23.06 -24.69 0.51
CA THR A 177 21.77 -25.34 0.68
C THR A 177 20.72 -24.24 0.84
N PHE A 178 19.91 -24.04 -0.20
CA PHE A 178 18.94 -22.97 -0.18
C PHE A 178 17.79 -23.28 0.77
N PRO A 179 17.16 -22.25 1.33
CA PRO A 179 16.00 -22.49 2.20
C PRO A 179 14.85 -23.12 1.42
N ALA A 180 14.08 -23.95 2.11
CA ALA A 180 12.94 -24.59 1.50
C ALA A 180 11.90 -23.56 1.08
N VAL A 181 11.21 -23.82 -0.02
CA VAL A 181 10.20 -22.93 -0.57
C VAL A 181 8.87 -23.67 -0.58
N LEU A 182 7.83 -23.02 -0.04
CA LEU A 182 6.50 -23.61 0.00
C LEU A 182 5.82 -23.42 -1.35
N GLN A 183 5.64 -24.52 -2.08
CA GLN A 183 5.01 -24.45 -3.38
C GLN A 183 3.50 -24.24 -3.23
N SER A 184 2.84 -23.98 -4.37
CA SER A 184 1.40 -23.76 -4.36
C SER A 184 0.62 -25.00 -3.97
N SER A 185 1.22 -26.18 -4.05
CA SER A 185 0.55 -27.43 -3.69
C SER A 185 0.71 -27.79 -2.22
N GLY A 186 1.37 -26.94 -1.43
CA GLY A 186 1.55 -27.20 -0.02
C GLY A 186 2.75 -28.05 0.34
N LEU A 187 3.60 -28.39 -0.63
CA LEU A 187 4.77 -29.22 -0.40
C LEU A 187 6.04 -28.41 -0.66
N TYR A 188 7.01 -28.54 0.24
CA TYR A 188 8.25 -27.80 0.15
C TYR A 188 9.19 -28.41 -0.88
N SER A 189 10.12 -27.58 -1.36
CA SER A 189 11.11 -28.03 -2.35
C SER A 189 12.31 -27.10 -2.27
N LEU A 190 13.49 -27.68 -2.11
CA LEU A 190 14.72 -26.91 -1.99
C LEU A 190 15.80 -27.52 -2.87
N SER A 191 16.77 -26.68 -3.24
CA SER A 191 17.94 -27.10 -4.00
C SER A 191 19.18 -27.05 -3.13
N SER A 192 20.23 -27.73 -3.58
CA SER A 192 21.50 -27.73 -2.85
C SER A 192 22.63 -27.89 -3.87
N VAL A 193 23.16 -26.75 -4.32
CA VAL A 193 24.21 -26.74 -5.33
C VAL A 193 25.57 -26.72 -4.65
N VAL A 194 26.54 -27.35 -5.31
CA VAL A 194 27.93 -27.37 -4.83
C VAL A 194 28.83 -27.09 -6.03
N THR A 195 29.83 -26.21 -5.82
CA THR A 195 30.73 -25.81 -6.88
C THR A 195 32.05 -26.54 -6.74
N VAL A 196 32.47 -27.21 -7.80
CA VAL A 196 33.74 -27.94 -7.82
C VAL A 196 34.47 -27.62 -9.12
N PRO A 197 35.79 -27.74 -9.13
CA PRO A 197 36.54 -27.53 -10.38
C PRO A 197 36.11 -28.51 -11.46
N SER A 198 36.08 -28.02 -12.70
CA SER A 198 35.60 -28.83 -13.81
C SER A 198 36.51 -30.03 -14.08
N SER A 199 37.79 -29.93 -13.72
CA SER A 199 38.71 -31.04 -13.95
C SER A 199 38.39 -32.26 -13.10
N SER A 200 37.63 -32.08 -12.02
CA SER A 200 37.28 -33.18 -11.14
C SER A 200 35.95 -33.82 -11.49
N LEU A 201 35.25 -33.33 -12.51
CA LEU A 201 33.96 -33.91 -12.89
C LEU A 201 34.12 -35.33 -13.39
N GLY A 202 35.15 -35.59 -14.20
CA GLY A 202 35.33 -36.90 -14.78
C GLY A 202 35.95 -37.94 -13.86
N THR A 203 36.50 -37.52 -12.72
CA THR A 203 37.16 -38.43 -11.80
C THR A 203 36.41 -38.56 -10.48
N GLN A 204 36.16 -37.45 -9.80
CA GLN A 204 35.49 -37.49 -8.51
C GLN A 204 34.02 -37.88 -8.66
N THR A 205 33.52 -38.60 -7.68
CA THR A 205 32.11 -39.02 -7.62
C THR A 205 31.40 -38.20 -6.57
N TYR A 206 30.33 -37.52 -6.97
CA TYR A 206 29.54 -36.68 -6.08
C TYR A 206 28.17 -37.31 -5.88
N ILE A 207 27.83 -37.60 -4.63
CA ILE A 207 26.54 -38.18 -4.26
C ILE A 207 25.94 -37.34 -3.15
N CYS A 208 24.69 -36.92 -3.33
CA CYS A 208 23.98 -36.13 -2.33
C CYS A 208 23.17 -37.05 -1.43
N ASN A 209 23.33 -36.88 -0.11
CA ASN A 209 22.68 -37.72 0.89
C ASN A 209 21.49 -36.96 1.46
N VAL A 210 20.36 -37.05 0.74
CA VAL A 210 19.12 -36.40 1.17
C VAL A 210 18.49 -37.26 2.26
N ASN A 211 18.44 -36.73 3.47
CA ASN A 211 17.88 -37.43 4.62
C ASN A 211 16.64 -36.71 5.10
N HIS A 212 15.55 -37.44 5.28
CA HIS A 212 14.27 -36.87 5.74
C HIS A 212 13.77 -37.72 6.90
N LYS A 213 14.03 -37.25 8.12
CA LYS A 213 13.63 -38.00 9.32
C LYS A 213 12.12 -38.19 9.43
N PRO A 214 11.26 -37.18 9.21
CA PRO A 214 9.82 -37.40 9.43
C PRO A 214 9.25 -38.55 8.61
N SER A 215 9.67 -38.73 7.36
CA SER A 215 9.24 -39.85 6.55
C SER A 215 10.20 -41.04 6.62
N ASN A 216 11.29 -40.91 7.37
CA ASN A 216 12.29 -41.97 7.51
C ASN A 216 12.80 -42.43 6.14
N THR A 217 13.02 -41.48 5.25
CA THR A 217 13.46 -41.75 3.89
C THR A 217 14.90 -41.31 3.71
N LYS A 218 15.76 -42.23 3.27
CA LYS A 218 17.17 -41.96 3.03
C LYS A 218 17.46 -42.16 1.55
N VAL A 219 17.80 -41.08 0.86
CA VAL A 219 18.05 -41.10 -0.57
C VAL A 219 19.48 -40.66 -0.82
N ASP A 220 20.22 -41.44 -1.60
CA ASP A 220 21.58 -41.12 -2.01
C ASP A 220 21.61 -41.12 -3.53
N LYS A 221 21.60 -39.93 -4.12
CA LYS A 221 21.53 -39.77 -5.57
C LYS A 221 22.90 -39.37 -6.13
N LYS A 222 23.32 -40.06 -7.18
CA LYS A 222 24.57 -39.77 -7.86
C LYS A 222 24.34 -38.77 -8.98
N VAL A 223 25.15 -37.71 -9.00
CA VAL A 223 25.03 -36.65 -10.00
C VAL A 223 26.20 -36.80 -10.97
N GLU A 224 25.88 -36.95 -12.25
CA GLU A 224 26.87 -37.11 -13.31
C GLU A 224 26.46 -36.27 -14.51
N PRO A 225 27.43 -35.81 -15.31
CA PRO A 225 27.14 -35.02 -16.51
C PRO A 225 26.27 -35.76 -17.52
N THR B 5 3.54 -6.77 4.24
CA THR B 5 3.31 -6.02 3.02
C THR B 5 4.64 -5.59 2.38
N GLN B 6 5.47 -4.91 3.16
CA GLN B 6 6.77 -4.44 2.70
C GLN B 6 7.87 -5.32 3.29
N SER B 7 8.78 -5.78 2.44
CA SER B 7 9.90 -6.57 2.89
C SER B 7 10.83 -5.71 3.75
N PRO B 8 11.50 -6.31 4.74
CA PRO B 8 12.42 -5.53 5.57
C PRO B 8 13.52 -4.89 4.74
N SER B 9 13.85 -3.65 5.06
CA SER B 9 14.85 -2.90 4.32
C SER B 9 16.24 -3.44 4.62
N SER B 10 17.17 -3.15 3.71
CA SER B 10 18.56 -3.57 3.84
C SER B 10 19.43 -2.36 4.13
N LEU B 11 20.30 -2.48 5.13
CA LEU B 11 21.22 -1.41 5.52
C LEU B 11 22.62 -2.02 5.57
N SER B 12 23.40 -1.81 4.51
CA SER B 12 24.75 -2.35 4.45
C SER B 12 25.72 -1.44 5.18
N ALA B 13 26.50 -2.02 6.09
CA ALA B 13 27.46 -1.24 6.86
C ALA B 13 28.58 -2.17 7.32
N SER B 14 29.76 -1.58 7.54
CA SER B 14 30.92 -2.32 7.98
C SER B 14 31.10 -2.17 9.49
N VAL B 15 32.01 -2.97 10.03
CA VAL B 15 32.30 -2.92 11.46
C VAL B 15 32.91 -1.57 11.81
N GLY B 16 32.42 -0.95 12.88
CA GLY B 16 32.90 0.34 13.32
C GLY B 16 32.18 1.53 12.73
N ASP B 17 31.26 1.32 11.79
CA ASP B 17 30.51 2.43 11.22
C ASP B 17 29.46 2.93 12.20
N ARG B 18 28.91 4.10 11.91
CA ARG B 18 27.85 4.71 12.70
C ARG B 18 26.55 4.59 11.90
N VAL B 19 25.72 3.62 12.26
CA VAL B 19 24.50 3.31 11.53
C VAL B 19 23.34 4.06 12.15
N THR B 20 22.32 4.33 11.35
CA THR B 20 21.11 5.01 11.81
C THR B 20 19.91 4.30 11.22
N ILE B 21 19.15 3.63 12.08
CA ILE B 21 17.96 2.89 11.65
C ILE B 21 16.74 3.77 11.97
N THR B 22 15.94 4.05 10.95
CA THR B 22 14.85 5.01 11.05
C THR B 22 13.52 4.31 10.78
N CYS B 23 12.57 4.51 11.68
CA CYS B 23 11.19 4.08 11.48
C CYS B 23 10.28 5.30 11.51
N ARG B 24 9.32 5.34 10.60
CA ARG B 24 8.48 6.50 10.39
C ARG B 24 7.07 6.20 10.87
N ALA B 25 6.53 7.10 11.70
CA ALA B 25 5.18 6.97 12.24
C ALA B 25 4.25 7.97 11.56
N SER B 26 2.95 7.76 11.75
CA SER B 26 1.94 8.59 11.12
C SER B 26 1.61 9.85 11.90
N GLN B 27 2.10 9.98 13.13
CA GLN B 27 1.80 11.16 13.95
C GLN B 27 3.06 11.53 14.74
N SER B 28 2.91 12.51 15.63
CA SER B 28 4.01 12.99 16.44
C SER B 28 4.33 11.97 17.53
N VAL B 29 5.51 11.35 17.43
CA VAL B 29 5.92 10.36 18.42
C VAL B 29 6.27 11.06 19.72
N SER B 30 5.76 10.55 20.84
CA SER B 30 6.07 11.08 22.17
C SER B 30 6.47 9.92 23.07
N SER B 31 7.74 9.53 22.99
CA SER B 31 8.34 8.54 23.89
C SER B 31 7.51 7.25 23.97
N ALA B 32 7.16 6.73 22.79
CA ALA B 32 6.32 5.54 22.72
C ALA B 32 6.86 4.51 21.73
N VAL B 33 8.18 4.44 21.55
CA VAL B 33 8.79 3.48 20.65
C VAL B 33 9.87 2.69 21.38
N ALA B 34 9.91 1.39 21.13
CA ALA B 34 10.94 0.51 21.65
C ALA B 34 11.56 -0.28 20.51
N TRP B 35 12.87 -0.50 20.58
CA TRP B 35 13.62 -1.12 19.50
C TRP B 35 14.00 -2.54 19.86
N TYR B 36 13.68 -3.48 18.97
CA TYR B 36 13.97 -4.89 19.17
C TYR B 36 15.06 -5.35 18.22
N GLN B 37 15.92 -6.24 18.69
CA GLN B 37 16.93 -6.88 17.86
C GLN B 37 16.66 -8.36 17.79
N GLN B 38 16.56 -8.90 16.57
CA GLN B 38 16.29 -10.31 16.35
C GLN B 38 17.36 -10.89 15.44
N LYS B 39 18.21 -11.76 15.98
CA LYS B 39 19.10 -12.52 15.14
C LYS B 39 18.34 -13.67 14.47
N PRO B 40 18.79 -14.14 13.31
CA PRO B 40 18.07 -15.21 12.61
C PRO B 40 17.96 -16.46 13.47
N GLY B 41 16.72 -16.94 13.62
CA GLY B 41 16.47 -18.15 14.38
C GLY B 41 16.41 -17.97 15.88
N LYS B 42 16.30 -16.74 16.38
CA LYS B 42 16.28 -16.48 17.81
C LYS B 42 15.15 -15.52 18.14
N ALA B 43 14.75 -15.54 19.41
CA ALA B 43 13.72 -14.64 19.88
C ALA B 43 14.23 -13.20 19.92
N PRO B 44 13.36 -12.23 19.64
CA PRO B 44 13.80 -10.83 19.66
C PRO B 44 14.21 -10.39 21.06
N LYS B 45 15.09 -9.39 21.10
CA LYS B 45 15.59 -8.83 22.34
C LYS B 45 15.34 -7.32 22.35
N LEU B 46 15.01 -6.79 23.52
CA LEU B 46 14.76 -5.36 23.64
C LEU B 46 16.08 -4.61 23.75
N LEU B 47 16.14 -3.43 23.12
CA LEU B 47 17.35 -2.63 23.10
C LEU B 47 17.19 -1.29 23.81
N ILE B 48 16.19 -0.50 23.44
CA ILE B 48 15.96 0.82 24.00
C ILE B 48 14.48 0.94 24.33
N TYR B 49 14.18 1.28 25.58
CA TYR B 49 12.82 1.53 26.01
C TYR B 49 12.65 2.99 26.40
N SER B 50 11.44 3.51 26.16
CA SER B 50 11.08 4.92 26.34
C SER B 50 11.82 5.84 25.37
N ALA B 51 12.43 5.28 24.33
CA ALA B 51 13.05 6.00 23.20
C ALA B 51 14.29 6.78 23.60
N SER B 52 14.64 6.83 24.88
CA SER B 52 15.83 7.57 25.31
C SER B 52 16.63 6.87 26.39
N SER B 53 16.20 5.70 26.88
CA SER B 53 16.83 5.05 28.02
C SER B 53 17.51 3.75 27.59
N LEU B 54 18.74 3.56 28.04
CA LEU B 54 19.47 2.33 27.80
C LEU B 54 18.84 1.17 28.56
N TYR B 55 18.96 -0.02 27.99
CA TYR B 55 18.43 -1.24 28.60
C TYR B 55 19.57 -2.06 29.20
N SER B 56 19.21 -2.89 30.19
CA SER B 56 20.20 -3.71 30.87
C SER B 56 20.85 -4.70 29.92
N GLY B 57 22.17 -4.82 30.03
CA GLY B 57 22.93 -5.68 29.13
C GLY B 57 23.23 -5.08 27.78
N VAL B 58 22.80 -3.85 27.53
CA VAL B 58 23.00 -3.16 26.25
C VAL B 58 24.08 -2.10 26.46
N PRO B 59 25.17 -2.13 25.69
CA PRO B 59 26.23 -1.13 25.85
C PRO B 59 25.73 0.27 25.48
N SER B 60 26.60 1.25 25.75
CA SER B 60 26.27 2.65 25.51
C SER B 60 26.17 2.99 24.03
N ARG B 61 26.57 2.09 23.13
CA ARG B 61 26.50 2.38 21.70
C ARG B 61 25.07 2.60 21.24
N PHE B 62 24.14 1.79 21.73
CA PHE B 62 22.73 1.96 21.37
C PHE B 62 22.16 3.20 22.03
N SER B 63 21.50 4.03 21.24
CA SER B 63 20.84 5.23 21.76
C SER B 63 19.74 5.64 20.78
N GLY B 64 18.58 6.00 21.34
CA GLY B 64 17.43 6.36 20.53
C GLY B 64 17.27 7.87 20.46
N SER B 65 17.07 8.36 19.23
CA SER B 65 16.82 9.77 18.97
C SER B 65 15.38 9.96 18.53
N ARG B 66 15.04 11.21 18.18
CA ARG B 66 13.68 11.56 17.77
C ARG B 66 13.77 12.78 16.87
N SER B 67 13.57 12.57 15.57
CA SER B 67 13.64 13.63 14.57
C SER B 67 12.24 13.80 13.98
N GLY B 68 11.46 14.68 14.59
CA GLY B 68 10.09 14.90 14.13
C GLY B 68 9.25 13.64 14.28
N THR B 69 8.58 13.27 13.21
CA THR B 69 7.76 12.07 13.18
C THR B 69 8.57 10.80 12.91
N ASP B 70 9.89 10.90 12.88
CA ASP B 70 10.78 9.77 12.64
C ASP B 70 11.70 9.59 13.84
N PHE B 71 11.74 8.36 14.35
CA PHE B 71 12.59 8.01 15.48
C PHE B 71 13.71 7.11 15.00
N THR B 72 14.94 7.41 15.41
CA THR B 72 16.13 6.75 14.89
C THR B 72 16.89 6.06 16.01
N LEU B 73 17.37 4.85 15.73
CA LEU B 73 18.25 4.11 16.62
C LEU B 73 19.68 4.21 16.08
N THR B 74 20.58 4.76 16.89
CA THR B 74 21.95 5.03 16.47
C THR B 74 22.90 4.10 17.19
N ILE B 75 23.81 3.48 16.43
CA ILE B 75 24.87 2.64 16.99
C ILE B 75 26.19 3.36 16.72
N SER B 76 26.82 3.85 17.80
CA SER B 76 28.04 4.63 17.64
C SER B 76 29.18 3.78 17.07
N SER B 77 29.35 2.57 17.59
CA SER B 77 30.43 1.67 17.16
C SER B 77 29.82 0.30 16.89
N LEU B 78 29.65 -0.01 15.61
CA LEU B 78 29.06 -1.29 15.23
C LEU B 78 29.96 -2.44 15.62
N GLN B 79 29.37 -3.53 16.08
CA GLN B 79 30.08 -4.70 16.54
C GLN B 79 29.67 -5.93 15.72
N PRO B 80 30.53 -6.96 15.67
CA PRO B 80 30.18 -8.15 14.87
C PRO B 80 28.91 -8.85 15.32
N GLU B 81 28.48 -8.67 16.56
CA GLU B 81 27.24 -9.26 17.05
C GLU B 81 26.04 -8.35 16.88
N ASP B 82 26.21 -7.19 16.24
CA ASP B 82 25.13 -6.25 16.02
C ASP B 82 24.49 -6.38 14.65
N PHE B 83 24.83 -7.43 13.91
CA PHE B 83 24.27 -7.66 12.57
C PHE B 83 23.04 -8.54 12.73
N ALA B 84 21.87 -7.91 12.73
CA ALA B 84 20.60 -8.62 12.87
C ALA B 84 19.49 -7.74 12.31
N THR B 85 18.26 -8.22 12.39
CA THR B 85 17.10 -7.47 11.94
C THR B 85 16.51 -6.72 13.13
N TYR B 86 16.30 -5.42 12.94
CA TYR B 86 15.86 -4.53 14.01
C TYR B 86 14.41 -4.13 13.78
N TYR B 87 13.55 -4.43 14.74
CA TYR B 87 12.13 -4.09 14.66
C TYR B 87 11.82 -2.95 15.60
N CYS B 88 10.92 -2.07 15.16
CA CYS B 88 10.54 -0.88 15.91
C CYS B 88 9.07 -0.98 16.29
N GLN B 89 8.76 -0.68 17.55
CA GLN B 89 7.40 -0.75 18.05
C GLN B 89 6.73 0.60 17.79
N GLN B 90 5.74 0.61 16.91
CA GLN B 90 5.10 1.86 16.51
C GLN B 90 4.39 2.49 17.71
N PRO B 91 4.39 3.81 17.82
CA PRO B 91 3.56 4.46 18.84
C PRO B 91 2.09 4.17 18.58
N TRP B 92 1.33 4.00 19.66
CA TRP B 92 -0.04 3.54 19.53
C TRP B 92 -0.92 4.61 18.90
N SER B 93 -1.77 4.17 17.96
CA SER B 93 -2.78 5.02 17.35
C SER B 93 -4.16 4.50 17.72
N TRP B 94 -5.12 5.41 17.82
CA TRP B 94 -6.45 5.03 18.26
C TRP B 94 -7.10 4.06 17.30
N GLY B 95 -7.66 2.98 17.83
CA GLY B 95 -8.35 1.99 17.05
C GLY B 95 -7.50 0.83 16.57
N SER B 96 -6.17 0.98 16.60
CA SER B 96 -5.28 -0.07 16.11
C SER B 96 -5.12 -1.13 17.20
N ALA B 97 -4.23 -2.08 16.97
CA ALA B 97 -3.94 -3.09 17.98
C ALA B 97 -3.15 -2.47 19.13
N LEU B 98 -3.10 -3.20 20.25
CA LEU B 98 -2.41 -2.70 21.43
C LEU B 98 -0.93 -2.49 21.15
N ILE B 99 -0.30 -3.42 20.45
CA ILE B 99 1.11 -3.34 20.10
C ILE B 99 1.26 -3.60 18.62
N THR B 100 2.01 -2.74 17.92
CA THR B 100 2.25 -2.91 16.50
C THR B 100 3.75 -2.82 16.24
N PHE B 101 4.29 -3.80 15.52
CA PHE B 101 5.70 -3.84 15.18
C PHE B 101 5.90 -3.32 13.76
N GLY B 102 6.83 -2.39 13.61
CA GLY B 102 7.14 -1.88 12.28
C GLY B 102 7.96 -2.85 11.47
N GLN B 103 8.18 -2.49 10.22
CA GLN B 103 9.00 -3.32 9.33
C GLN B 103 10.45 -3.30 9.80
N GLY B 104 11.10 -4.45 9.69
CA GLY B 104 12.48 -4.56 10.14
C GLY B 104 13.45 -3.90 9.19
N THR B 105 14.66 -3.67 9.69
CA THR B 105 15.74 -3.09 8.90
C THR B 105 16.97 -3.98 9.09
N LYS B 106 17.24 -4.84 8.12
CA LYS B 106 18.33 -5.80 8.23
C LYS B 106 19.66 -5.09 8.07
N VAL B 107 20.54 -5.22 9.05
CA VAL B 107 21.89 -4.66 9.00
C VAL B 107 22.83 -5.80 8.59
N GLU B 108 23.53 -5.59 7.48
CA GLU B 108 24.37 -6.62 6.89
C GLU B 108 25.77 -6.09 6.65
N ILE B 109 26.73 -7.01 6.57
CA ILE B 109 28.12 -6.64 6.38
C ILE B 109 28.31 -6.06 4.98
N LYS B 110 29.11 -5.00 4.88
CA LYS B 110 29.42 -4.38 3.60
C LYS B 110 30.73 -4.92 3.05
N ARG B 111 30.76 -5.17 1.75
CA ARG B 111 31.96 -5.64 1.06
C ARG B 111 31.92 -5.14 -0.37
N THR B 112 32.99 -5.45 -1.11
CA THR B 112 33.09 -5.03 -2.50
C THR B 112 32.05 -5.74 -3.37
N VAL B 113 31.59 -5.03 -4.40
CA VAL B 113 30.57 -5.58 -5.29
C VAL B 113 31.18 -6.69 -6.14
N ALA B 114 30.50 -7.83 -6.17
CA ALA B 114 30.92 -8.98 -6.97
C ALA B 114 29.79 -9.38 -7.90
N ALA B 115 30.11 -9.56 -9.18
CA ALA B 115 29.10 -9.93 -10.16
C ALA B 115 28.62 -11.35 -9.92
N PRO B 116 27.33 -11.63 -10.14
CA PRO B 116 26.82 -12.99 -9.90
C PRO B 116 27.26 -13.94 -10.99
N SER B 117 27.71 -15.13 -10.58
CA SER B 117 27.97 -16.20 -11.53
C SER B 117 26.67 -16.93 -11.83
N VAL B 118 26.34 -17.07 -13.10
CA VAL B 118 25.04 -17.58 -13.52
C VAL B 118 25.23 -18.98 -14.08
N PHE B 119 24.48 -19.93 -13.51
CA PHE B 119 24.43 -21.30 -14.00
C PHE B 119 22.98 -21.70 -14.15
N ILE B 120 22.68 -22.45 -15.22
CA ILE B 120 21.34 -22.93 -15.49
C ILE B 120 21.39 -24.44 -15.71
N PHE B 121 20.49 -25.18 -15.07
CA PHE B 121 20.47 -26.62 -15.14
C PHE B 121 19.21 -27.10 -15.84
N PRO B 122 19.31 -27.74 -17.00
CA PRO B 122 18.13 -28.29 -17.64
C PRO B 122 17.53 -29.40 -16.79
N PRO B 123 16.22 -29.58 -16.84
CA PRO B 123 15.59 -30.64 -16.03
C PRO B 123 16.11 -32.01 -16.44
N SER B 124 16.29 -32.87 -15.44
CA SER B 124 16.81 -34.21 -15.68
C SER B 124 15.73 -35.12 -16.27
N ASP B 125 16.19 -36.22 -16.86
CA ASP B 125 15.26 -37.17 -17.46
C ASP B 125 14.44 -37.91 -16.40
N SER B 126 15.02 -38.12 -15.22
CA SER B 126 14.30 -38.82 -14.16
C SER B 126 13.06 -38.04 -13.74
N GLN B 127 13.18 -36.72 -13.60
CA GLN B 127 12.04 -35.91 -13.20
C GLN B 127 10.97 -35.86 -14.28
N LEU B 128 11.37 -35.94 -15.55
CA LEU B 128 10.41 -35.86 -16.65
C LEU B 128 9.42 -37.02 -16.65
N LYS B 129 9.78 -38.15 -16.04
CA LYS B 129 8.85 -39.27 -15.96
C LYS B 129 7.66 -38.94 -15.05
N SER B 130 7.86 -38.06 -14.06
CA SER B 130 6.80 -37.68 -13.16
C SER B 130 5.79 -36.73 -13.79
N GLY B 131 6.07 -36.21 -14.98
CA GLY B 131 5.17 -35.31 -15.65
C GLY B 131 5.33 -33.85 -15.30
N THR B 132 6.31 -33.50 -14.47
CA THR B 132 6.57 -32.13 -14.08
C THR B 132 8.02 -31.78 -14.37
N ALA B 133 8.25 -30.59 -14.90
CA ALA B 133 9.60 -30.13 -15.26
C ALA B 133 9.95 -28.91 -14.43
N SER B 134 11.14 -28.93 -13.83
CA SER B 134 11.64 -27.81 -13.04
C SER B 134 12.97 -27.36 -13.62
N VAL B 135 13.06 -26.08 -13.97
CA VAL B 135 14.28 -25.48 -14.50
C VAL B 135 14.91 -24.64 -13.41
N VAL B 136 16.20 -24.89 -13.16
CA VAL B 136 16.92 -24.25 -12.06
C VAL B 136 17.94 -23.28 -12.65
N CYS B 137 17.88 -22.02 -12.22
CA CYS B 137 18.86 -21.00 -12.57
C CYS B 137 19.58 -20.58 -11.30
N LEU B 138 20.91 -20.66 -11.31
CA LEU B 138 21.72 -20.46 -10.12
C LEU B 138 22.50 -19.16 -10.23
N LEU B 139 22.44 -18.34 -9.18
CA LEU B 139 23.27 -17.15 -9.04
C LEU B 139 24.15 -17.35 -7.81
N ASN B 140 25.46 -17.31 -8.01
CA ASN B 140 26.42 -17.76 -7.00
C ASN B 140 27.35 -16.63 -6.61
N ASN B 141 27.46 -16.37 -5.29
CA ASN B 141 28.49 -15.52 -4.70
C ASN B 141 28.45 -14.12 -5.29
N PHE B 142 27.35 -13.42 -5.04
CA PHE B 142 27.18 -12.04 -5.47
C PHE B 142 26.86 -11.14 -4.29
N TYR B 143 27.16 -9.86 -4.45
CA TYR B 143 26.89 -8.83 -3.47
C TYR B 143 26.74 -7.52 -4.24
N PRO B 144 25.78 -6.66 -3.88
CA PRO B 144 24.84 -6.75 -2.76
C PRO B 144 23.68 -7.71 -2.99
N ARG B 145 22.73 -7.75 -2.04
CA ARG B 145 21.66 -8.73 -2.10
C ARG B 145 20.73 -8.50 -3.28
N GLU B 146 20.45 -7.24 -3.61
CA GLU B 146 19.42 -6.92 -4.60
C GLU B 146 19.80 -7.43 -5.98
N ALA B 147 19.07 -8.44 -6.46
CA ALA B 147 19.24 -8.97 -7.80
C ALA B 147 17.88 -9.40 -8.33
N LYS B 148 17.74 -9.36 -9.66
CA LYS B 148 16.49 -9.68 -10.32
C LYS B 148 16.71 -10.78 -11.34
N VAL B 149 15.85 -11.80 -11.31
CA VAL B 149 15.90 -12.90 -12.27
C VAL B 149 14.59 -12.94 -13.02
N GLN B 150 14.67 -12.81 -14.35
CA GLN B 150 13.50 -12.88 -15.21
C GLN B 150 13.63 -14.10 -16.11
N TRP B 151 12.54 -14.86 -16.25
CA TRP B 151 12.54 -16.08 -17.03
C TRP B 151 12.01 -15.80 -18.43
N LYS B 152 12.80 -16.17 -19.43
CA LYS B 152 12.41 -16.05 -20.84
C LYS B 152 12.33 -17.44 -21.44
N VAL B 153 11.17 -17.77 -22.00
CA VAL B 153 10.94 -19.04 -22.67
C VAL B 153 10.52 -18.72 -24.10
N ASP B 154 11.33 -19.13 -25.07
CA ASP B 154 11.14 -18.75 -26.47
C ASP B 154 11.03 -17.24 -26.60
N ASN B 155 11.90 -16.53 -25.88
CA ASN B 155 11.92 -15.07 -25.83
C ASN B 155 10.60 -14.49 -25.33
N ALA B 156 9.85 -15.26 -24.54
CA ALA B 156 8.61 -14.79 -23.94
C ALA B 156 8.77 -14.77 -22.43
N LEU B 157 8.47 -13.63 -21.82
CA LEU B 157 8.63 -13.48 -20.37
C LEU B 157 7.58 -14.30 -19.63
N GLN B 158 8.03 -15.06 -18.63
CA GLN B 158 7.14 -15.82 -17.78
C GLN B 158 6.72 -14.99 -16.58
N SER B 159 5.67 -15.44 -15.90
CA SER B 159 5.16 -14.74 -14.74
C SER B 159 4.27 -15.68 -13.93
N GLY B 160 4.40 -15.61 -12.61
CA GLY B 160 3.56 -16.41 -11.74
C GLY B 160 3.88 -17.88 -11.71
N ASN B 161 5.05 -18.29 -12.20
CA ASN B 161 5.41 -19.70 -12.24
C ASN B 161 6.85 -19.93 -11.82
N SER B 162 7.46 -19.01 -11.08
CA SER B 162 8.82 -19.15 -10.61
C SER B 162 8.92 -18.69 -9.16
N GLN B 163 9.79 -19.34 -8.40
CA GLN B 163 10.00 -19.02 -7.00
C GLN B 163 11.50 -18.89 -6.73
N GLU B 164 11.88 -17.80 -6.07
CA GLU B 164 13.27 -17.53 -5.74
C GLU B 164 13.57 -17.91 -4.30
N SER B 165 14.82 -18.25 -4.04
CA SER B 165 15.25 -18.64 -2.70
C SER B 165 16.67 -18.13 -2.50
N VAL B 166 16.85 -17.20 -1.57
CA VAL B 166 18.12 -16.56 -1.32
C VAL B 166 18.67 -17.07 0.01
N THR B 167 19.92 -17.51 -0.01
CA THR B 167 20.56 -17.94 1.23
C THR B 167 20.93 -16.73 2.09
N GLU B 168 21.18 -17.00 3.36
CA GLU B 168 21.72 -15.97 4.24
C GLU B 168 23.13 -15.59 3.81
N GLN B 169 23.57 -14.43 4.27
CA GLN B 169 24.90 -13.95 3.92
C GLN B 169 25.96 -14.92 4.43
N ASP B 170 26.90 -15.28 3.56
CA ASP B 170 27.86 -16.32 3.88
C ASP B 170 28.78 -15.88 5.02
N SER B 171 29.22 -16.84 5.81
CA SER B 171 30.06 -16.57 6.98
C SER B 171 31.52 -16.39 6.64
N LYS B 172 31.96 -16.73 5.42
CA LYS B 172 33.36 -16.64 5.03
C LYS B 172 33.65 -15.38 4.21
N ASP B 173 32.98 -15.21 3.08
CA ASP B 173 33.22 -14.07 2.20
C ASP B 173 32.06 -13.07 2.19
N SER B 174 31.05 -13.27 3.04
CA SER B 174 29.92 -12.34 3.16
C SER B 174 29.24 -12.11 1.82
N THR B 175 29.03 -13.17 1.05
CA THR B 175 28.35 -13.10 -0.23
C THR B 175 27.03 -13.85 -0.17
N TYR B 176 26.15 -13.53 -1.12
CA TYR B 176 24.83 -14.11 -1.21
C TYR B 176 24.81 -15.24 -2.23
N SER B 177 23.63 -15.83 -2.43
CA SER B 177 23.41 -16.86 -3.44
C SER B 177 21.92 -16.96 -3.70
N LEU B 178 21.55 -17.15 -4.96
CA LEU B 178 20.16 -17.17 -5.36
C LEU B 178 19.93 -18.32 -6.32
N SER B 179 18.73 -18.89 -6.27
CA SER B 179 18.33 -19.95 -7.20
C SER B 179 16.87 -19.72 -7.56
N SER B 180 16.60 -19.55 -8.85
CA SER B 180 15.25 -19.38 -9.37
C SER B 180 14.80 -20.67 -10.03
N THR B 181 13.71 -21.25 -9.54
CA THR B 181 13.19 -22.51 -10.05
C THR B 181 11.92 -22.23 -10.86
N LEU B 182 11.91 -22.68 -12.10
CA LEU B 182 10.76 -22.52 -12.98
C LEU B 182 9.99 -23.84 -13.05
N THR B 183 8.73 -23.81 -12.62
CA THR B 183 7.90 -25.01 -12.56
C THR B 183 7.02 -25.08 -13.79
N LEU B 184 7.16 -26.16 -14.57
CA LEU B 184 6.38 -26.37 -15.76
C LEU B 184 5.92 -27.82 -15.82
N SER B 185 4.74 -28.03 -16.38
CA SER B 185 4.26 -29.38 -16.62
C SER B 185 4.96 -29.98 -17.82
N LYS B 186 4.85 -31.31 -17.95
CA LYS B 186 5.52 -31.99 -19.06
C LYS B 186 4.95 -31.54 -20.40
N ALA B 187 3.63 -31.37 -20.49
CA ALA B 187 3.03 -30.92 -21.73
C ALA B 187 3.51 -29.53 -22.12
N ASP B 188 3.57 -28.61 -21.15
CA ASP B 188 4.04 -27.26 -21.44
C ASP B 188 5.54 -27.22 -21.67
N TYR B 189 6.29 -28.19 -21.13
CA TYR B 189 7.74 -28.21 -21.32
C TYR B 189 8.10 -28.53 -22.77
N GLU B 190 7.35 -29.42 -23.41
CA GLU B 190 7.68 -29.84 -24.77
C GLU B 190 7.23 -28.84 -25.82
N LYS B 191 6.31 -27.94 -25.50
CA LYS B 191 5.81 -26.99 -26.50
C LYS B 191 6.82 -25.90 -26.82
N HIS B 192 7.91 -25.79 -26.08
CA HIS B 192 8.92 -24.76 -26.30
C HIS B 192 10.28 -25.42 -26.53
N LYS B 193 11.21 -24.63 -27.05
CA LYS B 193 12.54 -25.14 -27.37
C LYS B 193 13.66 -24.41 -26.63
N VAL B 194 13.56 -23.09 -26.50
CA VAL B 194 14.62 -22.27 -25.92
C VAL B 194 14.16 -21.82 -24.53
N TYR B 195 14.94 -22.19 -23.52
CA TYR B 195 14.74 -21.72 -22.16
C TYR B 195 15.92 -20.86 -21.76
N ALA B 196 15.65 -19.66 -21.25
CA ALA B 196 16.68 -18.70 -20.92
C ALA B 196 16.43 -18.12 -19.53
N CYS B 197 17.53 -17.72 -18.88
CA CYS B 197 17.48 -17.08 -17.57
C CYS B 197 18.24 -15.77 -17.67
N GLU B 198 17.52 -14.65 -17.58
CA GLU B 198 18.14 -13.33 -17.68
C GLU B 198 18.42 -12.81 -16.28
N VAL B 199 19.68 -12.48 -16.02
CA VAL B 199 20.13 -12.03 -14.70
C VAL B 199 20.58 -10.58 -14.84
N THR B 200 19.99 -9.70 -14.03
CA THR B 200 20.38 -8.30 -13.98
C THR B 200 20.76 -7.96 -12.56
N HIS B 201 21.98 -7.44 -12.39
CA HIS B 201 22.51 -7.10 -11.08
C HIS B 201 23.23 -5.76 -11.17
N GLN B 202 23.35 -5.10 -10.02
CA GLN B 202 23.96 -3.77 -10.00
C GLN B 202 25.43 -3.79 -10.38
N GLY B 203 26.10 -4.93 -10.23
CA GLY B 203 27.48 -5.08 -10.62
C GLY B 203 27.69 -5.50 -12.06
N LEU B 204 26.63 -5.57 -12.85
CA LEU B 204 26.71 -6.00 -14.24
C LEU B 204 26.35 -4.84 -15.17
N SER B 205 27.25 -4.54 -16.10
CA SER B 205 26.99 -3.49 -17.09
C SER B 205 25.81 -3.88 -17.99
N SER B 206 25.82 -5.11 -18.50
CA SER B 206 24.73 -5.63 -19.31
C SER B 206 24.25 -6.94 -18.71
N PRO B 207 22.95 -7.22 -18.78
CA PRO B 207 22.42 -8.44 -18.16
C PRO B 207 23.09 -9.69 -18.72
N VAL B 208 23.36 -10.64 -17.83
CA VAL B 208 23.98 -11.91 -18.19
C VAL B 208 22.87 -12.93 -18.39
N THR B 209 22.84 -13.55 -19.56
CA THR B 209 21.80 -14.52 -19.91
C THR B 209 22.45 -15.87 -20.20
N LYS B 210 21.94 -16.90 -19.54
CA LYS B 210 22.35 -18.28 -19.80
C LYS B 210 21.14 -19.07 -20.27
N SER B 211 21.30 -19.81 -21.35
CA SER B 211 20.18 -20.50 -21.99
C SER B 211 20.61 -21.87 -22.49
N PHE B 212 19.62 -22.73 -22.72
CA PHE B 212 19.84 -24.06 -23.25
C PHE B 212 18.68 -24.42 -24.17
N ASN B 213 18.92 -25.42 -25.02
CA ASN B 213 17.93 -25.90 -25.97
C ASN B 213 17.46 -27.30 -25.58
N ARG B 214 16.18 -27.56 -25.77
CA ARG B 214 15.59 -28.85 -25.39
C ARG B 214 16.15 -29.94 -26.30
N GLY B 215 17.06 -30.75 -25.78
CA GLY B 215 17.66 -31.82 -26.55
C GLY B 215 19.10 -31.55 -26.91
N GLU C 1 -3.51 0.72 -9.97
CA GLU C 1 -2.43 0.02 -10.65
C GLU C 1 -1.33 1.01 -11.06
N ILE C 2 -1.28 2.14 -10.36
CA ILE C 2 -0.33 3.20 -10.69
C ILE C 2 1.10 2.71 -10.57
N ALA C 3 1.41 2.00 -9.47
CA ALA C 3 2.73 1.41 -9.34
C ALA C 3 3.01 0.38 -10.42
N ALA C 4 2.01 -0.47 -10.71
CA ALA C 4 2.14 -1.41 -11.82
C ALA C 4 2.23 -0.68 -13.16
N LEU C 5 1.47 0.41 -13.32
CA LEU C 5 1.58 1.21 -14.52
C LEU C 5 2.77 2.15 -14.50
N GLU C 6 3.33 2.46 -13.32
CA GLU C 6 4.68 3.00 -13.26
C GLU C 6 5.70 1.95 -13.69
N LYS C 7 5.55 0.70 -13.22
CA LYS C 7 6.39 -0.38 -13.73
C LYS C 7 6.21 -0.53 -15.23
N GLU C 8 4.96 -0.44 -15.71
CA GLU C 8 4.73 -0.33 -17.14
C GLU C 8 5.36 0.95 -17.70
N ILE C 9 5.21 2.08 -17.01
CA ILE C 9 5.87 3.30 -17.45
C ILE C 9 7.38 3.12 -17.46
N ALA C 10 7.92 2.41 -16.46
CA ALA C 10 9.31 2.00 -16.53
C ALA C 10 9.56 1.10 -17.74
N ALA C 11 8.66 0.14 -17.99
CA ALA C 11 8.73 -0.62 -19.24
C ALA C 11 8.49 0.28 -20.45
N LEU C 12 7.64 1.30 -20.30
CA LEU C 12 7.50 2.32 -21.33
C LEU C 12 8.76 3.17 -21.44
N GLU C 13 9.33 3.56 -20.29
CA GLU C 13 10.69 4.11 -20.29
C GLU C 13 11.71 3.10 -20.81
N LYS C 14 11.44 1.80 -20.65
CA LYS C 14 12.23 0.78 -21.31
C LYS C 14 11.89 0.65 -22.79
N GLU C 15 10.67 1.05 -23.18
CA GLU C 15 10.40 1.28 -24.59
C GLU C 15 10.95 2.62 -25.06
N ILE C 16 11.21 3.54 -24.13
CA ILE C 16 12.04 4.70 -24.41
C ILE C 16 13.52 4.36 -24.22
N ALA C 17 13.82 3.30 -23.48
CA ALA C 17 15.11 2.64 -23.51
C ALA C 17 15.16 1.53 -24.57
N ALA C 18 14.06 1.31 -25.29
CA ALA C 18 14.16 0.65 -26.58
C ALA C 18 14.49 1.67 -27.67
N LEU C 19 13.97 2.89 -27.55
CA LEU C 19 14.56 4.03 -28.25
C LEU C 19 16.00 4.24 -27.80
N GLU C 20 16.19 4.54 -26.51
CA GLU C 20 17.50 4.65 -25.88
C GLU C 20 18.52 5.41 -26.72
N LYS C 21 18.11 6.52 -27.31
CA LYS C 21 18.91 7.16 -28.35
C LYS C 21 19.93 8.13 -27.77
N GLY C 22 19.45 9.15 -27.07
CA GLY C 22 20.32 10.20 -26.58
C GLY C 22 20.08 10.62 -25.15
N SER C 23 20.05 11.94 -24.92
CA SER C 23 19.80 12.51 -23.61
C SER C 23 18.66 13.53 -23.66
N GLY C 24 17.71 13.33 -24.58
CA GLY C 24 16.54 14.19 -24.65
C GLY C 24 15.48 13.72 -23.68
N SER C 25 15.42 14.38 -22.52
CA SER C 25 14.62 14.03 -21.35
C SER C 25 15.19 12.81 -20.65
N GLN C 26 16.22 12.18 -21.21
CA GLN C 26 17.08 11.25 -20.50
C GLN C 26 18.18 12.04 -19.79
N VAL C 27 18.61 11.53 -18.65
CA VAL C 27 19.62 12.23 -17.84
C VAL C 27 20.83 12.56 -18.70
N GLN C 28 21.29 13.80 -18.61
CA GLN C 28 22.47 14.21 -19.35
C GLN C 28 23.71 13.60 -18.72
N LEU C 29 24.63 13.13 -19.56
CA LEU C 29 25.87 12.51 -19.07
C LEU C 29 27.02 13.05 -19.91
N GLN C 30 27.72 14.05 -19.36
CA GLN C 30 28.85 14.69 -20.01
C GLN C 30 30.05 14.54 -19.07
N GLU C 31 30.85 13.51 -19.31
CA GLU C 31 32.03 13.27 -18.48
C GLU C 31 33.03 14.41 -18.65
N SER C 32 33.65 14.79 -17.54
CA SER C 32 34.57 15.91 -17.51
C SER C 32 35.64 15.64 -16.45
N GLY C 33 36.75 16.37 -16.55
CA GLY C 33 37.86 16.14 -15.65
C GLY C 33 38.72 14.94 -15.99
N GLY C 34 38.58 14.38 -17.19
CA GLY C 34 39.37 13.24 -17.58
C GLY C 34 40.47 13.62 -18.56
N GLY C 35 41.71 13.33 -18.21
CA GLY C 35 42.83 13.68 -19.06
C GLY C 35 44.11 13.02 -18.58
N LEU C 36 45.20 13.39 -19.23
CA LEU C 36 46.50 12.83 -18.88
C LEU C 36 46.89 13.22 -17.46
N VAL C 37 47.41 12.25 -16.71
CA VAL C 37 47.84 12.48 -15.33
C VAL C 37 48.87 11.42 -14.98
N GLN C 38 49.93 11.85 -14.30
CA GLN C 38 50.99 10.93 -13.92
C GLN C 38 50.51 9.97 -12.84
N PRO C 39 51.08 8.76 -12.78
CA PRO C 39 50.67 7.81 -11.73
C PRO C 39 50.96 8.34 -10.34
N GLY C 40 50.08 8.00 -9.40
CA GLY C 40 50.19 8.45 -8.04
C GLY C 40 49.57 9.79 -7.74
N GLY C 41 49.01 10.47 -8.73
CA GLY C 41 48.38 11.76 -8.54
C GLY C 41 46.96 11.64 -8.04
N SER C 42 46.12 12.58 -8.45
CA SER C 42 44.71 12.57 -8.08
C SER C 42 43.90 13.21 -9.20
N LEU C 43 42.73 12.64 -9.46
CA LEU C 43 41.86 13.12 -10.53
C LEU C 43 40.41 12.92 -10.13
N ARG C 44 39.55 13.80 -10.64
CA ARG C 44 38.12 13.76 -10.33
C ARG C 44 37.32 13.82 -11.62
N LEU C 45 36.20 13.11 -11.65
CA LEU C 45 35.27 13.15 -12.77
C LEU C 45 33.92 13.69 -12.32
N SER C 46 33.15 14.17 -13.29
CA SER C 46 31.83 14.73 -13.01
C SER C 46 30.93 14.48 -14.21
N CYS C 47 29.65 14.17 -13.94
CA CYS C 47 28.67 13.90 -14.99
C CYS C 47 27.36 14.60 -14.63
N ALA C 48 27.22 15.84 -15.09
CA ALA C 48 26.04 16.64 -14.76
C ALA C 48 24.81 16.08 -15.46
N ALA C 49 23.77 15.76 -14.69
CA ALA C 49 22.55 15.16 -15.20
C ALA C 49 21.43 16.19 -15.22
N SER C 50 20.72 16.26 -16.35
CA SER C 50 19.55 17.11 -16.48
C SER C 50 18.47 16.35 -17.25
N GLY C 51 17.30 16.96 -17.35
CA GLY C 51 16.17 16.34 -18.02
C GLY C 51 15.37 15.41 -17.14
N ARG C 52 16.03 14.75 -16.18
CA ARG C 52 15.34 13.96 -15.17
C ARG C 52 16.01 14.20 -13.83
N THR C 53 15.27 13.88 -12.77
CA THR C 53 15.72 14.11 -11.39
C THR C 53 16.36 12.82 -10.88
N ILE C 54 17.67 12.86 -10.64
CA ILE C 54 18.41 11.67 -10.22
C ILE C 54 18.38 11.47 -8.71
N SER C 55 17.69 12.35 -7.97
CA SER C 55 17.58 12.21 -6.53
C SER C 55 16.72 11.00 -6.13
N ARG C 56 16.02 10.38 -7.08
CA ARG C 56 15.18 9.24 -6.81
C ARG C 56 15.74 7.94 -7.37
N TYR C 57 16.86 7.99 -8.09
CA TYR C 57 17.44 6.81 -8.71
C TYR C 57 18.91 6.69 -8.34
N ALA C 58 19.42 5.46 -8.41
CA ALA C 58 20.81 5.20 -8.09
C ALA C 58 21.70 5.45 -9.30
N MET C 59 22.84 6.09 -9.06
CA MET C 59 23.80 6.42 -10.11
C MET C 59 25.07 5.61 -9.91
N SER C 60 25.56 4.98 -10.97
CA SER C 60 26.70 4.09 -10.92
C SER C 60 27.85 4.61 -11.78
N TRP C 61 28.97 3.89 -11.74
CA TRP C 61 30.15 4.21 -12.52
C TRP C 61 30.72 2.93 -13.11
N PHE C 62 31.21 3.02 -14.35
CA PHE C 62 31.84 1.89 -15.01
C PHE C 62 33.09 2.37 -15.73
N ARG C 63 34.03 1.45 -15.94
CA ARG C 63 35.23 1.72 -16.71
C ARG C 63 35.46 0.59 -17.70
N GLN C 64 36.10 0.91 -18.81
CA GLN C 64 36.30 -0.03 -19.91
C GLN C 64 37.73 0.10 -20.43
N ALA C 65 38.62 -0.75 -19.94
CA ALA C 65 39.99 -0.77 -20.43
C ALA C 65 40.03 -1.27 -21.87
N PRO C 66 41.00 -0.82 -22.66
CA PRO C 66 41.13 -1.33 -24.03
C PRO C 66 41.32 -2.84 -24.04
N GLY C 67 40.52 -3.52 -24.86
CA GLY C 67 40.55 -4.97 -24.89
C GLY C 67 39.93 -5.63 -23.69
N LYS C 68 39.07 -4.93 -22.96
CA LYS C 68 38.43 -5.46 -21.76
C LYS C 68 36.94 -5.18 -21.81
N GLU C 69 36.21 -5.81 -20.89
CA GLU C 69 34.77 -5.63 -20.78
C GLU C 69 34.48 -4.35 -19.99
N ARG C 70 33.22 -4.17 -19.59
CA ARG C 70 32.82 -3.02 -18.79
C ARG C 70 32.69 -3.46 -17.34
N GLU C 71 33.83 -3.47 -16.64
CA GLU C 71 33.85 -3.86 -15.25
C GLU C 71 33.23 -2.78 -14.36
N PHE C 72 32.61 -3.23 -13.28
CA PHE C 72 32.00 -2.32 -12.33
C PHE C 72 33.05 -1.54 -11.55
N VAL C 73 32.71 -0.30 -11.18
CA VAL C 73 33.63 0.56 -10.45
C VAL C 73 33.03 0.98 -9.13
N ALA C 74 31.92 1.72 -9.18
CA ALA C 74 31.29 2.22 -7.97
C ALA C 74 29.84 2.58 -8.26
N VAL C 75 29.00 2.46 -7.24
CA VAL C 75 27.59 2.83 -7.32
C VAL C 75 27.28 3.78 -6.17
N ALA C 76 26.57 4.85 -6.47
CA ALA C 76 26.13 5.83 -5.48
C ALA C 76 24.61 5.77 -5.41
N ARG C 77 24.08 5.01 -4.46
CA ARG C 77 22.64 4.88 -4.29
C ARG C 77 22.06 6.16 -3.72
N ARG C 78 20.75 6.15 -3.48
CA ARG C 78 20.08 7.31 -2.92
C ARG C 78 20.65 7.66 -1.55
N SER C 79 20.43 8.89 -1.13
CA SER C 79 21.02 9.39 0.10
C SER C 79 20.60 8.52 1.29
N GLY C 80 21.58 8.12 2.10
CA GLY C 80 21.33 7.27 3.23
C GLY C 80 21.52 5.80 2.99
N ASP C 81 21.61 5.36 1.73
CA ASP C 81 21.80 3.97 1.40
C ASP C 81 23.27 3.58 1.23
N GLY C 82 24.18 4.54 1.29
CA GLY C 82 25.59 4.26 1.20
C GLY C 82 26.06 4.09 -0.24
N ALA C 83 27.38 3.94 -0.38
CA ALA C 83 28.02 3.76 -1.67
C ALA C 83 28.94 2.54 -1.61
N PHE C 84 28.95 1.76 -2.69
CA PHE C 84 29.73 0.54 -2.78
C PHE C 84 30.79 0.69 -3.87
N TYR C 85 31.90 -0.02 -3.70
CA TYR C 85 33.02 0.05 -4.61
C TYR C 85 33.49 -1.35 -4.99
N ALA C 86 34.09 -1.46 -6.17
CA ALA C 86 34.61 -2.74 -6.63
C ALA C 86 35.88 -3.10 -5.86
N ASP C 87 36.30 -4.36 -6.02
CA ASP C 87 37.48 -4.85 -5.30
C ASP C 87 38.75 -4.14 -5.76
N SER C 88 38.90 -3.92 -7.06
CA SER C 88 40.12 -3.28 -7.57
C SER C 88 40.22 -1.83 -7.12
N VAL C 89 39.09 -1.14 -7.03
CA VAL C 89 39.08 0.28 -6.68
C VAL C 89 38.76 0.51 -5.21
N GLN C 90 38.72 -0.55 -4.40
CA GLN C 90 38.40 -0.40 -2.99
C GLN C 90 39.51 0.36 -2.27
N GLY C 91 39.11 1.31 -1.43
CA GLY C 91 40.04 2.10 -0.63
C GLY C 91 40.54 3.38 -1.27
N ARG C 92 40.83 3.34 -2.57
CA ARG C 92 41.38 4.48 -3.27
C ARG C 92 40.31 5.42 -3.81
N PHE C 93 39.16 4.89 -4.23
CA PHE C 93 38.11 5.68 -4.85
C PHE C 93 37.10 6.14 -3.82
N THR C 94 36.30 7.13 -4.22
CA THR C 94 35.23 7.66 -3.39
C THR C 94 34.25 8.40 -4.29
N VAL C 95 32.99 7.97 -4.28
CA VAL C 95 31.94 8.56 -5.09
C VAL C 95 30.97 9.31 -4.20
N SER C 96 30.66 10.55 -4.58
CA SER C 96 29.77 11.41 -3.82
C SER C 96 28.73 12.02 -4.75
N ARG C 97 27.55 12.31 -4.19
CA ARG C 97 26.42 12.81 -4.95
C ARG C 97 26.16 14.28 -4.63
N ASP C 98 25.32 14.89 -5.46
CA ASP C 98 24.84 16.25 -5.25
C ASP C 98 23.43 16.33 -5.83
N ASP C 99 22.43 16.12 -4.97
CA ASP C 99 21.05 16.05 -5.43
C ASP C 99 20.57 17.38 -6.00
N ALA C 100 20.96 18.49 -5.37
CA ALA C 100 20.51 19.80 -5.85
C ALA C 100 21.03 20.08 -7.25
N LYS C 101 22.30 19.76 -7.51
CA LYS C 101 22.87 19.97 -8.83
C LYS C 101 22.60 18.81 -9.78
N ASN C 102 22.04 17.71 -9.29
CA ASN C 102 21.81 16.50 -10.10
C ASN C 102 23.10 16.07 -10.79
N THR C 103 24.17 16.01 -10.02
CA THR C 103 25.49 15.64 -10.53
C THR C 103 26.18 14.72 -9.55
N VAL C 104 26.92 13.75 -10.08
CA VAL C 104 27.71 12.82 -9.26
C VAL C 104 29.18 13.07 -9.54
N TYR C 105 30.02 12.72 -8.56
CA TYR C 105 31.46 12.93 -8.66
C TYR C 105 32.18 11.66 -8.27
N LEU C 106 33.32 11.43 -8.92
CA LEU C 106 34.18 10.27 -8.65
C LEU C 106 35.55 10.79 -8.25
N GLN C 107 35.75 10.98 -6.95
CA GLN C 107 37.02 11.49 -6.42
C GLN C 107 38.01 10.34 -6.33
N MET C 108 38.97 10.32 -7.25
CA MET C 108 39.95 9.25 -7.34
C MET C 108 41.28 9.71 -6.76
N ASN C 109 41.94 8.81 -6.04
CA ASN C 109 43.25 9.09 -5.43
C ASN C 109 44.15 7.88 -5.63
N SER C 110 45.46 8.14 -5.57
CA SER C 110 46.48 7.09 -5.71
C SER C 110 46.27 6.28 -6.99
N LEU C 111 46.16 7.00 -8.11
CA LEU C 111 45.91 6.37 -9.39
C LEU C 111 47.06 5.48 -9.80
N LYS C 112 46.73 4.43 -10.57
CA LYS C 112 47.69 3.47 -11.08
C LYS C 112 47.54 3.37 -12.59
N PRO C 113 48.62 3.01 -13.30
CA PRO C 113 48.52 2.89 -14.76
C PRO C 113 47.50 1.87 -15.22
N GLU C 114 47.19 0.86 -14.39
CA GLU C 114 46.19 -0.14 -14.75
C GLU C 114 44.78 0.43 -14.82
N ASP C 115 44.56 1.63 -14.30
CA ASP C 115 43.24 2.25 -14.32
C ASP C 115 42.99 3.08 -15.58
N THR C 116 43.93 3.07 -16.54
CA THR C 116 43.76 3.79 -17.79
C THR C 116 42.63 3.16 -18.58
N ALA C 117 41.55 3.90 -18.78
CA ALA C 117 40.35 3.41 -19.45
C ALA C 117 39.44 4.61 -19.72
N VAL C 118 38.24 4.33 -20.23
CA VAL C 118 37.18 5.32 -20.40
C VAL C 118 36.12 5.03 -19.35
N TYR C 119 35.86 6.00 -18.47
CA TYR C 119 35.00 5.79 -17.31
C TYR C 119 33.57 6.18 -17.66
N TYR C 120 32.76 5.19 -18.02
CA TYR C 120 31.36 5.42 -18.38
C TYR C 120 30.49 5.50 -17.13
N CYS C 121 29.50 6.39 -17.17
CA CYS C 121 28.56 6.55 -16.07
CA CYS C 121 28.56 6.56 -16.07
C CYS C 121 27.20 5.98 -16.45
N ALA C 122 26.41 5.65 -15.44
CA ALA C 122 25.08 5.09 -15.65
C ALA C 122 24.20 5.41 -14.46
N ILE C 123 22.90 5.41 -14.70
CA ILE C 123 21.89 5.63 -13.67
C ILE C 123 20.93 4.44 -13.65
N ASP C 124 20.69 3.89 -12.46
CA ASP C 124 19.79 2.76 -12.31
C ASP C 124 18.36 3.22 -12.45
N SER C 125 17.68 2.77 -13.51
CA SER C 125 16.31 3.22 -13.76
C SER C 125 15.36 2.74 -12.67
N ASP C 126 15.55 1.53 -12.18
CA ASP C 126 14.68 0.96 -11.17
C ASP C 126 14.85 1.70 -9.84
N THR C 127 13.78 1.72 -9.06
CA THR C 127 13.81 2.33 -7.73
C THR C 127 14.13 1.32 -6.63
N PHE C 128 14.30 0.04 -6.99
CA PHE C 128 14.63 -1.00 -6.02
C PHE C 128 16.06 -1.49 -6.13
N TYR C 129 16.93 -0.72 -6.81
CA TYR C 129 18.35 -1.05 -6.95
C TYR C 129 18.54 -2.43 -7.58
N SER C 130 17.74 -2.74 -8.59
CA SER C 130 17.84 -4.02 -9.28
C SER C 130 18.87 -4.00 -10.41
N GLY C 131 19.61 -2.90 -10.57
CA GLY C 131 20.60 -2.83 -11.62
C GLY C 131 20.05 -2.63 -13.01
N SER C 132 18.86 -2.04 -13.14
CA SER C 132 18.24 -1.83 -14.44
C SER C 132 18.82 -0.55 -15.05
N TYR C 133 20.03 -0.70 -15.60
CA TYR C 133 20.71 0.40 -16.24
C TYR C 133 20.17 0.62 -17.65
N ASP C 134 19.85 1.87 -17.98
CA ASP C 134 19.27 2.20 -19.29
C ASP C 134 19.91 3.42 -19.94
N TYR C 135 20.79 4.15 -19.27
CA TYR C 135 21.38 5.36 -19.82
C TYR C 135 22.88 5.36 -19.57
N TRP C 136 23.64 5.82 -20.57
CA TRP C 136 25.08 5.84 -20.49
C TRP C 136 25.61 7.05 -21.24
N GLY C 137 26.76 7.56 -20.78
CA GLY C 137 27.38 8.70 -21.43
C GLY C 137 28.43 8.28 -22.45
N GLN C 138 28.95 9.28 -23.17
CA GLN C 138 30.00 9.01 -24.15
C GLN C 138 31.32 8.63 -23.49
N GLY C 139 31.54 9.00 -22.24
CA GLY C 139 32.77 8.69 -21.56
C GLY C 139 33.90 9.65 -21.93
N THR C 140 34.90 9.70 -21.05
CA THR C 140 36.09 10.51 -21.29
C THR C 140 37.32 9.63 -21.15
N GLN C 141 38.33 9.88 -21.98
CA GLN C 141 39.58 9.12 -21.94
C GLN C 141 40.35 9.51 -20.68
N VAL C 142 40.37 8.60 -19.70
CA VAL C 142 41.10 8.82 -18.45
C VAL C 142 42.37 7.99 -18.54
N THR C 143 43.46 8.63 -18.95
CA THR C 143 44.74 7.94 -19.15
C THR C 143 45.65 8.25 -17.97
N VAL C 144 46.05 7.20 -17.25
CA VAL C 144 46.91 7.33 -16.08
C VAL C 144 48.32 6.95 -16.52
N SER C 145 49.08 7.94 -16.98
CA SER C 145 50.43 7.71 -17.44
C SER C 145 51.21 9.01 -17.37
N SER C 146 52.51 8.90 -17.11
CA SER C 146 53.37 10.07 -17.00
C SER C 146 53.60 10.71 -18.37
N TYR D 153 -24.88 37.79 -35.00
CA TYR D 153 -24.09 37.19 -33.94
C TYR D 153 -24.87 37.12 -32.64
N ILE D 154 -25.64 38.17 -32.35
CA ILE D 154 -26.43 38.21 -31.12
C ILE D 154 -27.50 37.12 -31.14
N ASN D 155 -28.16 36.92 -32.29
CA ASN D 155 -29.17 35.88 -32.38
C ASN D 155 -28.56 34.50 -32.23
N ILE D 156 -27.36 34.29 -32.78
CA ILE D 156 -26.72 32.98 -32.71
C ILE D 156 -25.84 32.81 -31.48
N ILE D 157 -25.70 33.86 -30.66
CA ILE D 157 -24.91 33.75 -29.43
C ILE D 157 -25.59 32.81 -28.45
N MET D 158 -26.88 32.98 -28.25
CA MET D 158 -27.60 32.17 -27.27
C MET D 158 -27.56 30.67 -27.56
N PRO D 159 -27.81 30.20 -28.79
CA PRO D 159 -27.66 28.75 -29.03
C PRO D 159 -26.27 28.23 -28.75
N SER D 160 -25.23 29.04 -28.99
CA SER D 160 -23.88 28.61 -28.67
C SER D 160 -23.65 28.50 -27.17
N VAL D 161 -24.33 29.35 -26.38
CA VAL D 161 -24.20 29.28 -24.93
C VAL D 161 -24.74 27.94 -24.41
N PHE D 162 -25.91 27.53 -24.89
CA PHE D 162 -26.48 26.26 -24.47
C PHE D 162 -25.69 25.07 -25.00
N GLY D 163 -25.14 25.20 -26.22
CA GLY D 163 -24.30 24.13 -26.75
C GLY D 163 -23.06 23.90 -25.92
N THR D 164 -22.44 24.99 -25.46
CA THR D 164 -21.28 24.86 -24.58
C THR D 164 -21.66 24.17 -23.27
N ILE D 165 -22.81 24.54 -22.70
CA ILE D 165 -23.27 23.90 -21.47
C ILE D 165 -23.55 22.43 -21.71
N CYS D 166 -24.23 22.11 -22.80
CA CYS D 166 -24.55 20.71 -23.10
C CYS D 166 -23.28 19.91 -23.38
N LEU D 167 -22.33 20.50 -24.10
CA LEU D 167 -21.08 19.81 -24.38
C LEU D 167 -20.31 19.52 -23.11
N LEU D 168 -20.16 20.54 -22.24
CA LEU D 168 -19.50 20.34 -20.96
C LEU D 168 -20.29 19.39 -20.08
N GLY D 169 -21.61 19.54 -20.04
CA GLY D 169 -22.42 18.71 -19.16
C GLY D 169 -22.36 17.25 -19.53
N ILE D 170 -22.50 16.95 -20.83
CA ILE D 170 -22.43 15.55 -21.28
C ILE D 170 -21.06 14.97 -20.98
N ILE D 171 -20.00 15.71 -21.29
CA ILE D 171 -18.65 15.26 -20.96
C ILE D 171 -18.47 15.18 -19.45
N GLY D 172 -18.93 16.19 -18.71
CA GLY D 172 -18.76 16.19 -17.27
C GLY D 172 -19.51 15.06 -16.59
N ASN D 173 -20.78 14.86 -16.97
CA ASN D 173 -21.58 13.80 -16.37
C ASN D 173 -21.00 12.42 -16.71
N SER D 174 -20.58 12.22 -17.95
CA SER D 174 -19.99 10.95 -18.34
C SER D 174 -18.73 10.64 -17.55
N THR D 175 -18.00 11.68 -17.12
CA THR D 175 -16.81 11.46 -16.29
C THR D 175 -17.19 10.79 -14.98
N VAL D 176 -18.21 11.32 -14.31
CA VAL D 176 -18.69 10.69 -13.07
C VAL D 176 -19.30 9.32 -13.36
N ILE D 177 -20.01 9.20 -14.49
CA ILE D 177 -20.62 7.92 -14.84
C ILE D 177 -19.55 6.84 -14.97
N PHE D 178 -18.45 7.15 -15.66
CA PHE D 178 -17.36 6.19 -15.81
C PHE D 178 -16.64 5.97 -14.49
N ALA D 179 -16.39 7.04 -13.73
CA ALA D 179 -15.55 6.93 -12.54
C ALA D 179 -16.24 6.15 -11.43
N VAL D 180 -17.51 6.47 -11.16
CA VAL D 180 -18.21 5.82 -10.06
C VAL D 180 -18.38 4.33 -10.32
N VAL D 181 -18.74 3.97 -11.56
CA VAL D 181 -18.90 2.56 -11.90
C VAL D 181 -17.57 1.82 -11.76
N LYS D 182 -16.48 2.42 -12.26
CA LYS D 182 -15.16 1.82 -12.17
C LYS D 182 -14.65 1.83 -10.73
N ASN D 191 -18.23 11.02 0.66
CA ASN D 191 -19.27 11.92 0.20
C ASN D 191 -20.64 11.24 0.19
N VAL D 192 -21.32 11.30 -0.94
CA VAL D 192 -22.65 10.70 -1.09
C VAL D 192 -22.52 9.19 -1.00
N PRO D 193 -23.56 8.46 -0.56
CA PRO D 193 -23.47 7.01 -0.38
C PRO D 193 -23.56 6.22 -1.68
N ASP D 194 -22.81 6.66 -2.70
CA ASP D 194 -22.55 5.91 -3.93
C ASP D 194 -23.81 5.53 -4.69
N ILE D 195 -24.97 6.10 -4.34
CA ILE D 195 -26.25 5.73 -4.92
C ILE D 195 -26.97 6.93 -5.52
N PHE D 196 -27.18 7.97 -4.70
CA PHE D 196 -27.95 9.13 -5.15
C PHE D 196 -27.24 9.86 -6.29
N ILE D 197 -25.92 9.94 -6.24
CA ILE D 197 -25.17 10.61 -7.31
C ILE D 197 -25.37 9.87 -8.63
N ILE D 198 -25.41 8.54 -8.60
CA ILE D 198 -25.62 7.76 -9.81
C ILE D 198 -26.96 8.12 -10.45
N ASN D 199 -28.03 8.12 -9.65
CA ASN D 199 -29.33 8.51 -10.17
C ASN D 199 -29.34 9.97 -10.60
N LEU D 200 -28.76 10.85 -9.78
CA LEU D 200 -28.70 12.27 -10.13
C LEU D 200 -27.91 12.50 -11.41
N SER D 201 -26.90 11.67 -11.67
CA SER D 201 -26.13 11.78 -12.91
C SER D 201 -27.00 11.47 -14.12
N VAL D 202 -27.90 10.50 -14.00
CA VAL D 202 -28.76 10.13 -15.12
C VAL D 202 -29.71 11.26 -15.46
N VAL D 203 -30.21 11.97 -14.44
CA VAL D 203 -31.17 13.06 -14.67
C VAL D 203 -30.53 14.13 -15.56
N ASP D 204 -29.29 14.51 -15.25
CA ASP D 204 -28.57 15.41 -16.14
C ASP D 204 -28.34 14.77 -17.51
N LEU D 205 -28.02 13.48 -17.52
CA LEU D 205 -27.80 12.78 -18.79
C LEU D 205 -29.05 12.79 -19.66
N LEU D 206 -30.19 12.40 -19.08
CA LEU D 206 -31.43 12.33 -19.85
C LEU D 206 -31.86 13.72 -20.30
N PHE D 207 -31.73 14.73 -19.43
CA PHE D 207 -32.13 16.07 -19.80
C PHE D 207 -31.27 16.61 -20.94
N LEU D 208 -29.95 16.39 -20.87
CA LEU D 208 -29.07 16.91 -21.90
C LEU D 208 -29.21 16.18 -23.23
N LEU D 209 -29.72 14.94 -23.21
CA LEU D 209 -29.99 14.25 -24.47
C LEU D 209 -31.04 14.98 -25.29
N GLY D 210 -32.10 15.46 -24.64
CA GLY D 210 -33.09 16.28 -25.30
C GLY D 210 -32.74 17.73 -25.46
N MET D 211 -31.60 18.15 -24.90
CA MET D 211 -31.18 19.55 -25.03
C MET D 211 -30.97 19.99 -26.47
N PRO D 212 -30.20 19.28 -27.30
CA PRO D 212 -29.99 19.78 -28.68
C PRO D 212 -31.27 19.90 -29.48
N PHE D 213 -32.25 19.03 -29.24
CA PHE D 213 -33.53 19.15 -29.94
C PHE D 213 -34.23 20.46 -29.57
N MET D 214 -34.20 20.82 -28.30
CA MET D 214 -34.79 22.09 -27.87
C MET D 214 -33.98 23.27 -28.38
N ILE D 215 -32.66 23.10 -28.54
CA ILE D 215 -31.83 24.18 -29.06
C ILE D 215 -32.23 24.53 -30.49
N HIS D 216 -32.49 23.50 -31.31
CA HIS D 216 -32.86 23.75 -32.70
C HIS D 216 -34.16 24.54 -32.81
N GLN D 217 -35.09 24.33 -31.87
CA GLN D 217 -36.31 25.13 -31.86
C GLN D 217 -35.99 26.60 -31.63
N LEU D 218 -35.08 26.89 -30.71
CA LEU D 218 -34.63 28.27 -30.51
C LEU D 218 -33.93 28.80 -31.74
N MET D 219 -33.15 27.95 -32.41
CA MET D 219 -32.52 28.35 -33.67
C MET D 219 -33.56 28.67 -34.74
N GLY D 220 -34.62 27.86 -34.81
CA GLY D 220 -35.68 28.09 -35.78
C GLY D 220 -36.65 29.19 -35.42
N ASN D 221 -36.56 29.73 -34.21
CA ASN D 221 -37.45 30.79 -33.73
C ASN D 221 -38.91 30.36 -33.81
N GLY D 222 -39.20 29.19 -33.26
CA GLY D 222 -40.55 28.69 -33.20
C GLY D 222 -40.84 27.58 -34.18
N VAL D 223 -39.84 26.72 -34.44
CA VAL D 223 -39.96 25.63 -35.39
C VAL D 223 -39.67 24.33 -34.65
N TRP D 224 -40.57 23.35 -34.81
CA TRP D 224 -40.42 22.03 -34.20
C TRP D 224 -40.62 20.95 -35.26
N HIS D 225 -39.90 21.05 -36.36
CA HIS D 225 -40.03 20.09 -37.45
C HIS D 225 -39.39 18.76 -37.06
N PHE D 226 -39.90 18.14 -35.99
CA PHE D 226 -39.40 16.86 -35.50
C PHE D 226 -40.50 15.88 -35.10
N GLY D 227 -41.74 16.33 -34.90
CA GLY D 227 -42.82 15.43 -34.54
C GLY D 227 -43.56 15.84 -33.29
N GLU D 228 -44.88 15.62 -33.29
CA GLU D 228 -45.68 15.97 -32.12
C GLU D 228 -45.33 15.09 -30.92
N THR D 229 -45.05 13.81 -31.16
CA THR D 229 -44.64 12.92 -30.08
C THR D 229 -43.33 13.38 -29.46
N MET D 230 -42.39 13.85 -30.27
CA MET D 230 -41.13 14.38 -29.75
C MET D 230 -41.37 15.59 -28.86
N CYS D 231 -42.28 16.49 -29.27
CA CYS D 231 -42.60 17.64 -28.44
C CYS D 231 -43.17 17.22 -27.09
N THR D 232 -44.07 16.24 -27.09
CA THR D 232 -44.64 15.76 -25.83
C THR D 232 -43.58 15.10 -24.96
N LEU D 233 -42.73 14.26 -25.56
CA LEU D 233 -41.72 13.54 -24.78
C LEU D 233 -40.65 14.50 -24.25
N ILE D 234 -40.10 15.34 -25.12
CA ILE D 234 -38.93 16.14 -24.74
C ILE D 234 -39.32 17.22 -23.74
N THR D 235 -40.42 17.92 -24.01
CA THR D 235 -40.84 18.99 -23.11
C THR D 235 -41.14 18.45 -21.72
N ALA D 236 -41.81 17.28 -21.65
CA ALA D 236 -42.07 16.67 -20.35
C ALA D 236 -40.77 16.27 -19.66
N MET D 237 -39.82 15.73 -20.42
CA MET D 237 -38.53 15.34 -19.85
C MET D 237 -37.79 16.54 -19.26
N ASP D 238 -37.78 17.66 -19.99
CA ASP D 238 -37.18 18.88 -19.45
C ASP D 238 -37.90 19.33 -18.19
N ALA D 239 -39.23 19.32 -18.21
CA ALA D 239 -39.99 19.66 -17.01
C ALA D 239 -39.87 18.60 -15.93
N ASN D 240 -39.49 17.37 -16.30
CA ASN D 240 -39.28 16.33 -15.31
C ASN D 240 -37.97 16.52 -14.55
N SER D 241 -36.98 17.17 -15.17
CA SER D 241 -35.66 17.27 -14.56
C SER D 241 -35.70 18.05 -13.25
N GLN D 242 -36.43 19.16 -13.22
CA GLN D 242 -36.50 19.96 -12.00
C GLN D 242 -37.13 19.16 -10.86
N PHE D 243 -38.19 18.40 -11.16
CA PHE D 243 -38.83 17.60 -10.12
C PHE D 243 -37.97 16.41 -9.73
N THR D 244 -37.29 15.78 -10.69
CA THR D 244 -36.50 14.60 -10.39
C THR D 244 -35.24 14.97 -9.62
N SER D 245 -34.54 16.03 -10.05
CA SER D 245 -33.28 16.39 -9.40
C SER D 245 -33.52 16.82 -7.96
N THR D 246 -34.51 17.67 -7.72
CA THR D 246 -34.78 18.15 -6.37
C THR D 246 -35.21 17.01 -5.45
N TYR D 247 -36.06 16.11 -5.95
CA TYR D 247 -36.47 14.96 -5.14
C TYR D 247 -35.28 14.07 -4.80
N ILE D 248 -34.39 13.85 -5.77
CA ILE D 248 -33.16 13.10 -5.49
C ILE D 248 -32.32 13.83 -4.47
N LEU D 249 -32.16 15.15 -4.64
CA LEU D 249 -31.43 15.93 -3.63
C LEU D 249 -32.16 15.90 -2.29
N THR D 250 -33.50 15.98 -2.32
CA THR D 250 -34.27 15.88 -1.09
C THR D 250 -34.05 14.54 -0.42
N ALA D 251 -34.04 13.46 -1.21
CA ALA D 251 -33.77 12.14 -0.65
C ALA D 251 -32.37 12.06 -0.06
N MET D 252 -31.39 12.66 -0.74
CA MET D 252 -30.03 12.66 -0.21
C MET D 252 -29.95 13.41 1.11
N ALA D 253 -30.66 14.54 1.21
CA ALA D 253 -30.73 15.26 2.48
C ALA D 253 -31.43 14.44 3.54
N ILE D 254 -32.53 13.78 3.16
CA ILE D 254 -33.25 12.92 4.11
C ILE D 254 -32.38 11.72 4.49
N ASP D 255 -31.70 11.11 3.51
CA ASP D 255 -30.88 9.95 3.80
C ASP D 255 -29.77 10.28 4.79
N ARG D 256 -29.10 11.42 4.60
CA ARG D 256 -28.07 11.83 5.55
C ARG D 256 -28.68 12.22 6.89
N TYR D 257 -29.92 12.71 6.88
CA TYR D 257 -30.58 13.06 8.14
C TYR D 257 -30.82 11.83 8.99
N LEU D 258 -31.35 10.76 8.40
CA LEU D 258 -31.62 9.54 9.15
C LEU D 258 -30.34 8.90 9.66
N ALA D 259 -29.29 8.91 8.84
CA ALA D 259 -28.02 8.28 9.22
C ALA D 259 -27.35 8.99 10.39
N THR D 260 -27.73 10.22 10.70
CA THR D 260 -27.10 10.97 11.77
C THR D 260 -28.02 11.28 12.94
N VAL D 261 -29.34 11.32 12.73
CA VAL D 261 -30.29 11.66 13.79
C VAL D 261 -30.98 10.43 14.34
N HIS D 262 -31.31 9.46 13.49
CA HIS D 262 -31.92 8.21 13.91
C HIS D 262 -31.12 7.05 13.34
N PRO D 263 -29.86 6.88 13.78
CA PRO D 263 -29.02 5.81 13.22
C PRO D 263 -29.57 4.42 13.47
N ILE D 264 -30.19 4.18 14.62
CA ILE D 264 -30.67 2.85 14.97
C ILE D 264 -31.81 2.43 14.05
N SER D 265 -32.79 3.31 13.85
CA SER D 265 -33.95 2.98 13.04
C SER D 265 -33.67 3.06 11.55
N SER D 266 -32.57 3.68 11.14
CA SER D 266 -32.24 3.85 9.73
C SER D 266 -31.22 2.83 9.22
N THR D 267 -30.80 1.88 10.07
CA THR D 267 -29.83 0.88 9.61
C THR D 267 -30.42 0.02 8.50
N LYS D 268 -31.66 -0.45 8.67
CA LYS D 268 -32.29 -1.24 7.63
C LYS D 268 -32.69 -0.39 6.44
N PHE D 269 -33.05 0.88 6.67
CA PHE D 269 -33.47 1.75 5.57
C PHE D 269 -32.34 1.98 4.58
N ARG D 270 -31.12 2.20 5.08
CA ARG D 270 -29.97 2.44 4.22
C ARG D 270 -29.41 1.09 3.76
N LYS D 271 -30.03 0.54 2.72
CA LYS D 271 -29.60 -0.71 2.12
C LYS D 271 -29.50 -0.53 0.62
N PRO D 272 -28.58 -1.26 -0.03
CA PRO D 272 -28.45 -1.11 -1.50
C PRO D 272 -29.74 -1.41 -2.26
N SER D 273 -30.49 -2.42 -1.82
CA SER D 273 -31.75 -2.75 -2.48
C SER D 273 -32.84 -1.75 -2.13
N VAL D 274 -32.92 -1.35 -0.86
CA VAL D 274 -33.97 -0.45 -0.42
C VAL D 274 -33.82 0.92 -1.06
N ALA D 275 -32.59 1.42 -1.17
CA ALA D 275 -32.36 2.74 -1.74
C ALA D 275 -32.80 2.79 -3.21
N THR D 276 -32.49 1.73 -3.97
CA THR D 276 -32.93 1.68 -5.37
C THR D 276 -34.45 1.66 -5.47
N LEU D 277 -35.13 1.04 -4.50
CA LEU D 277 -36.58 1.03 -4.50
C LEU D 277 -37.14 2.44 -4.35
N VAL D 278 -36.54 3.24 -3.47
CA VAL D 278 -37.00 4.61 -3.26
C VAL D 278 -36.80 5.44 -4.50
N ILE D 279 -35.68 5.25 -5.19
CA ILE D 279 -35.39 6.03 -6.40
C ILE D 279 -36.47 5.80 -7.46
N CYS D 280 -36.90 4.55 -7.63
CA CYS D 280 -37.96 4.25 -8.59
C CYS D 280 -39.24 5.00 -8.24
N LEU D 281 -39.56 5.09 -6.94
CA LEU D 281 -40.70 5.88 -6.52
C LEU D 281 -40.51 7.35 -6.86
N LEU D 282 -39.31 7.88 -6.65
CA LEU D 282 -39.06 9.29 -6.91
C LEU D 282 -39.24 9.61 -8.39
N TRP D 283 -38.74 8.75 -9.27
CA TRP D 283 -38.97 8.93 -10.71
C TRP D 283 -40.47 8.86 -11.02
N ALA D 284 -41.16 7.87 -10.45
CA ALA D 284 -42.60 7.75 -10.68
C ALA D 284 -43.35 8.96 -10.14
N LEU D 285 -42.98 9.42 -8.95
CA LEU D 285 -43.59 10.62 -8.40
C LEU D 285 -43.29 11.84 -9.26
N SER D 286 -42.09 11.90 -9.84
CA SER D 286 -41.76 13.00 -10.74
C SER D 286 -42.66 13.00 -11.97
N PHE D 287 -42.88 11.83 -12.57
CA PHE D 287 -43.77 11.75 -13.72
C PHE D 287 -45.22 12.04 -13.33
N ILE D 288 -45.63 11.59 -12.15
CA ILE D 288 -46.97 11.91 -11.67
C ILE D 288 -47.11 13.41 -11.43
N SER D 289 -46.09 14.03 -10.84
CA SER D 289 -46.14 15.45 -10.52
C SER D 289 -46.09 16.35 -11.75
N ILE D 290 -45.80 15.80 -12.93
CA ILE D 290 -45.78 16.58 -14.17
C ILE D 290 -46.93 16.19 -15.10
N THR D 291 -47.99 15.61 -14.54
CA THR D 291 -49.15 15.27 -15.36
C THR D 291 -49.73 16.44 -16.15
N PRO D 292 -49.86 17.65 -15.60
CA PRO D 292 -50.34 18.77 -16.44
C PRO D 292 -49.48 19.01 -17.67
N VAL D 293 -48.17 18.77 -17.59
CA VAL D 293 -47.32 18.91 -18.76
C VAL D 293 -47.72 17.92 -19.84
N TRP D 294 -48.04 16.69 -19.44
CA TRP D 294 -48.47 15.68 -20.41
C TRP D 294 -49.76 16.07 -21.11
N LEU D 295 -50.71 16.64 -20.36
CA LEU D 295 -52.02 16.93 -20.92
C LEU D 295 -51.95 17.97 -22.03
N TYR D 296 -51.10 18.99 -21.87
CA TYR D 296 -51.06 20.12 -22.78
C TYR D 296 -49.70 20.25 -23.45
N ALA D 297 -49.15 19.13 -23.91
CA ALA D 297 -47.87 19.11 -24.62
C ALA D 297 -48.03 19.05 -26.13
N ARG D 298 -49.24 19.28 -26.65
CA ARG D 298 -49.48 19.21 -28.07
C ARG D 298 -48.80 20.39 -28.79
N LEU D 299 -48.63 20.23 -30.10
CA LEU D 299 -47.99 21.26 -30.90
C LEU D 299 -48.81 22.53 -30.93
N ILE D 300 -48.15 23.67 -30.74
CA ILE D 300 -48.83 24.96 -30.82
C ILE D 300 -49.07 25.29 -32.29
N PRO D 301 -50.31 25.64 -32.68
CA PRO D 301 -50.55 25.97 -34.09
C PRO D 301 -49.94 27.31 -34.49
N PHE D 302 -48.63 27.31 -34.70
CA PHE D 302 -47.95 28.53 -35.13
C PHE D 302 -48.40 28.90 -36.54
N PRO D 303 -48.51 30.19 -36.84
CA PRO D 303 -48.95 30.61 -38.19
C PRO D 303 -48.01 30.10 -39.26
N GLY D 304 -48.59 29.74 -40.40
CA GLY D 304 -47.81 29.20 -41.50
C GLY D 304 -47.54 27.71 -41.33
N GLY D 305 -46.53 27.24 -42.06
CA GLY D 305 -46.15 25.83 -41.98
C GLY D 305 -45.48 25.44 -40.68
N ALA D 306 -44.90 26.41 -39.97
CA ALA D 306 -44.25 26.12 -38.71
C ALA D 306 -45.27 25.84 -37.62
N VAL D 307 -44.89 25.00 -36.66
CA VAL D 307 -45.73 24.65 -35.53
C VAL D 307 -44.91 24.83 -34.25
N GLY D 308 -45.48 25.54 -33.28
CA GLY D 308 -44.80 25.73 -32.01
C GLY D 308 -44.91 24.53 -31.09
N CYS D 309 -43.98 24.44 -30.15
CA CYS D 309 -43.95 23.38 -29.15
C CYS D 309 -43.85 24.02 -27.77
N GLY D 310 -44.98 24.15 -27.09
CA GLY D 310 -45.02 24.71 -25.76
C GLY D 310 -46.11 24.04 -24.95
N ILE D 311 -46.69 24.79 -24.02
CA ILE D 311 -47.77 24.30 -23.17
C ILE D 311 -49.04 25.03 -23.57
N ARG D 312 -50.02 24.28 -24.10
CA ARG D 312 -51.27 24.85 -24.57
C ARG D 312 -52.31 24.79 -23.45
N LEU D 313 -52.25 25.77 -22.57
CA LEU D 313 -53.23 25.86 -21.50
C LEU D 313 -54.62 26.17 -22.08
N PRO D 314 -55.68 25.59 -21.52
CA PRO D 314 -57.03 25.90 -22.01
C PRO D 314 -57.39 27.38 -21.88
N ASN D 315 -56.93 28.03 -20.81
CA ASN D 315 -57.16 29.45 -20.59
C ASN D 315 -55.83 30.10 -20.23
N PRO D 316 -54.95 30.31 -21.21
CA PRO D 316 -53.63 30.88 -20.90
C PRO D 316 -53.69 32.25 -20.25
N ASP D 317 -54.73 33.03 -20.52
CA ASP D 317 -54.89 34.32 -19.87
C ASP D 317 -55.26 34.19 -18.40
N THR D 318 -55.72 33.01 -17.97
CA THR D 318 -56.11 32.79 -16.59
C THR D 318 -55.42 31.61 -15.93
N ASP D 319 -55.04 30.59 -16.68
CA ASP D 319 -54.39 29.40 -16.13
C ASP D 319 -52.88 29.55 -16.00
N LEU D 320 -52.32 30.70 -16.39
CA LEU D 320 -50.88 30.88 -16.32
C LEU D 320 -50.38 30.85 -14.88
N TYR D 321 -51.14 31.46 -13.95
CA TYR D 321 -50.68 31.56 -12.57
C TYR D 321 -50.55 30.19 -11.92
N TRP D 322 -51.60 29.37 -11.99
CA TRP D 322 -51.61 28.13 -11.22
C TRP D 322 -50.60 27.13 -11.76
N PHE D 323 -50.40 27.09 -13.08
CA PHE D 323 -49.37 26.22 -13.65
C PHE D 323 -47.98 26.66 -13.23
N THR D 324 -47.72 27.98 -13.23
CA THR D 324 -46.41 28.47 -12.84
C THR D 324 -46.16 28.29 -11.35
N LEU D 325 -47.15 28.63 -10.52
CA LEU D 325 -46.99 28.51 -9.08
C LEU D 325 -46.80 27.05 -8.65
N TYR D 326 -47.49 26.13 -9.32
CA TYR D 326 -47.41 24.72 -8.92
C TYR D 326 -46.01 24.16 -9.12
N GLN D 327 -45.31 24.61 -10.17
CA GLN D 327 -43.93 24.16 -10.36
C GLN D 327 -43.02 24.74 -9.30
N PHE D 328 -43.13 26.04 -9.03
CA PHE D 328 -42.30 26.66 -8.00
C PHE D 328 -42.57 26.08 -6.62
N PHE D 329 -43.85 25.85 -6.31
CA PHE D 329 -44.21 25.36 -4.98
C PHE D 329 -43.64 23.97 -4.73
N LEU D 330 -43.74 23.08 -5.71
CA LEU D 330 -43.34 21.69 -5.52
C LEU D 330 -41.89 21.41 -5.89
N ALA D 331 -41.31 22.16 -6.84
CA ALA D 331 -39.96 21.87 -7.30
C ALA D 331 -38.90 22.78 -6.72
N PHE D 332 -39.27 23.95 -6.20
CA PHE D 332 -38.25 24.86 -5.67
C PHE D 332 -38.56 25.32 -4.25
N ALA D 333 -39.84 25.47 -3.93
CA ALA D 333 -40.22 25.90 -2.58
C ALA D 333 -40.17 24.74 -1.59
N LEU D 334 -40.98 23.72 -1.83
CA LEU D 334 -41.06 22.59 -0.88
C LEU D 334 -39.73 21.87 -0.69
N PRO D 335 -38.99 21.46 -1.73
CA PRO D 335 -37.73 20.75 -1.47
C PRO D 335 -36.69 21.58 -0.74
N PHE D 336 -36.66 22.89 -0.98
CA PHE D 336 -35.69 23.73 -0.27
C PHE D 336 -35.96 23.74 1.23
N VAL D 337 -37.23 23.82 1.63
CA VAL D 337 -37.57 23.82 3.04
C VAL D 337 -37.18 22.50 3.69
N VAL D 338 -37.49 21.38 3.02
CA VAL D 338 -37.15 20.07 3.58
C VAL D 338 -35.64 19.90 3.67
N ILE D 339 -34.92 20.25 2.60
CA ILE D 339 -33.46 20.09 2.60
C ILE D 339 -32.83 20.98 3.66
N THR D 340 -33.27 22.24 3.74
CA THR D 340 -32.73 23.14 4.75
C THR D 340 -33.02 22.64 6.15
N ALA D 341 -34.24 22.13 6.38
CA ALA D 341 -34.57 21.58 7.69
C ALA D 341 -33.70 20.37 8.01
N ALA D 342 -33.42 19.53 7.02
CA ALA D 342 -32.59 18.36 7.26
C ALA D 342 -31.18 18.75 7.63
N TYR D 343 -30.63 19.78 7.00
CA TYR D 343 -29.23 20.16 7.18
C TYR D 343 -29.01 21.11 8.35
N VAL D 344 -30.05 21.49 9.08
CA VAL D 344 -29.86 22.27 10.30
C VAL D 344 -29.96 21.35 11.50
N ARG D 345 -30.78 20.30 11.38
CA ARG D 345 -30.79 19.26 12.40
C ARG D 345 -29.47 18.51 12.44
N ILE D 346 -28.89 18.22 11.27
CA ILE D 346 -27.63 17.49 11.21
C ILE D 346 -26.51 18.31 11.83
N LEU D 347 -26.42 19.59 11.48
CA LEU D 347 -25.36 20.43 12.02
C LEU D 347 -25.49 20.58 13.53
N GLN D 348 -26.73 20.68 14.03
CA GLN D 348 -26.93 20.71 15.47
C GLN D 348 -26.58 19.38 16.11
N ARG D 349 -26.98 18.27 15.48
CA ARG D 349 -26.63 16.96 16.02
C ARG D 349 -25.12 16.73 16.03
N MET D 350 -24.45 17.10 14.93
CA MET D 350 -23.01 16.98 14.88
C MET D 350 -22.34 17.89 15.91
N LYS D 351 -22.81 19.13 16.03
CA LYS D 351 -22.23 20.03 17.03
C LYS D 351 -22.48 19.51 18.43
N ARG D 352 -23.67 18.98 18.70
CA ARG D 352 -23.95 18.42 20.01
C ARG D 352 -23.09 17.19 20.30
N GLN D 353 -22.91 16.32 19.29
CA GLN D 353 -22.10 15.13 19.49
C GLN D 353 -20.63 15.49 19.67
N LEU D 354 -20.11 16.39 18.83
CA LEU D 354 -18.72 16.78 18.95
C LEU D 354 -18.45 17.55 20.23
N ALA D 355 -19.43 18.33 20.71
CA ALA D 355 -19.28 19.02 21.98
C ALA D 355 -19.54 18.09 23.17
N ASP D 356 -20.03 16.88 22.92
CA ASP D 356 -20.22 15.89 23.98
C ASP D 356 -18.99 15.03 24.18
N LEU D 357 -18.33 14.62 23.09
CA LEU D 357 -17.11 13.82 23.20
C LEU D 357 -16.02 14.60 23.92
N GLU D 358 -15.82 15.86 23.54
CA GLU D 358 -14.85 16.69 24.23
C GLU D 358 -15.27 16.97 25.67
N ASP D 359 -16.58 16.98 25.93
CA ASP D 359 -17.06 17.13 27.30
C ASP D 359 -16.77 15.88 28.13
N ASN D 360 -16.98 14.70 27.54
CA ASN D 360 -16.60 13.47 28.22
C ASN D 360 -15.09 13.34 28.28
N TRP D 361 -14.38 13.77 27.23
CA TRP D 361 -12.92 13.71 27.24
C TRP D 361 -12.35 14.62 28.31
N GLU D 362 -12.95 15.81 28.49
CA GLU D 362 -12.48 16.72 29.54
C GLU D 362 -12.67 16.14 30.93
N THR D 363 -13.60 15.20 31.09
CA THR D 363 -13.76 14.54 32.38
C THR D 363 -12.55 13.68 32.71
N LEU D 364 -11.94 13.06 31.70
CA LEU D 364 -10.76 12.23 31.94
C LEU D 364 -9.60 13.08 32.45
N ASN D 365 -9.33 14.21 31.78
CA ASN D 365 -8.17 15.01 32.12
C ASN D 365 -8.24 15.53 33.55
N ASP D 366 -9.41 16.01 33.97
CA ASP D 366 -9.56 16.52 35.33
C ASP D 366 -9.32 15.42 36.36
N ASN D 367 -9.88 14.22 36.12
CA ASN D 367 -9.61 13.10 37.00
C ASN D 367 -8.17 12.61 36.86
N LEU D 368 -7.62 12.68 35.64
CA LEU D 368 -6.28 12.16 35.41
C LEU D 368 -5.24 12.94 36.23
N LYS D 369 -5.41 14.25 36.34
CA LYS D 369 -4.50 15.04 37.15
C LYS D 369 -4.67 14.77 38.64
N VAL D 370 -5.81 14.21 39.06
CA VAL D 370 -5.99 13.86 40.47
C VAL D 370 -5.11 12.68 40.84
N ILE D 371 -5.07 11.65 39.99
CA ILE D 371 -4.32 10.44 40.32
C ILE D 371 -2.83 10.74 40.42
N GLU D 372 -2.34 11.66 39.59
CA GLU D 372 -0.93 12.04 39.65
C GLU D 372 -0.59 12.66 41.01
N LYS D 373 -1.47 13.51 41.54
CA LYS D 373 -1.27 14.11 42.84
C LYS D 373 -1.95 13.34 43.97
N ALA D 374 -2.65 12.25 43.66
CA ALA D 374 -3.30 11.46 44.70
C ALA D 374 -2.26 10.81 45.60
N ASP D 375 -2.60 10.71 46.89
CA ASP D 375 -1.66 10.19 47.88
C ASP D 375 -2.24 9.06 48.70
N ASN D 376 -3.38 8.50 48.31
CA ASN D 376 -4.00 7.42 49.05
C ASN D 376 -4.81 6.54 48.10
N ALA D 377 -5.10 5.33 48.55
CA ALA D 377 -5.86 4.39 47.74
C ALA D 377 -7.31 4.84 47.57
N ALA D 378 -7.85 5.61 48.51
CA ALA D 378 -9.24 6.02 48.43
C ALA D 378 -9.47 6.98 47.27
N GLN D 379 -8.60 7.99 47.12
CA GLN D 379 -8.77 8.96 46.05
C GLN D 379 -8.60 8.33 44.68
N VAL D 380 -7.65 7.40 44.55
CA VAL D 380 -7.34 6.81 43.26
C VAL D 380 -8.55 6.05 42.72
N LYS D 381 -9.20 5.25 43.56
CA LYS D 381 -10.34 4.47 43.12
C LYS D 381 -11.48 5.36 42.65
N ASP D 382 -11.79 6.42 43.42
CA ASP D 382 -12.86 7.33 43.04
C ASP D 382 -12.53 8.07 41.75
N ALA D 383 -11.28 8.52 41.61
CA ALA D 383 -10.87 9.21 40.39
C ALA D 383 -10.97 8.29 39.18
N LEU D 384 -10.48 7.05 39.31
CA LEU D 384 -10.56 6.11 38.21
C LEU D 384 -12.00 5.72 37.89
N THR D 385 -12.84 5.57 38.92
CA THR D 385 -14.22 5.14 38.69
C THR D 385 -14.98 6.17 37.88
N LYS D 386 -14.70 7.46 38.11
CA LYS D 386 -15.29 8.50 37.27
C LYS D 386 -14.81 8.39 35.83
N MET D 387 -13.52 8.05 35.65
CA MET D 387 -12.98 7.90 34.30
C MET D 387 -13.68 6.78 33.55
N ARG D 388 -13.90 5.64 34.20
CA ARG D 388 -14.50 4.50 33.53
C ARG D 388 -15.93 4.80 33.09
N ALA D 389 -16.70 5.46 33.95
CA ALA D 389 -18.08 5.79 33.60
C ALA D 389 -18.13 6.72 32.40
N ALA D 390 -17.25 7.73 32.36
CA ALA D 390 -17.16 8.58 31.18
C ALA D 390 -16.69 7.80 29.96
N ALA D 391 -15.74 6.89 30.15
CA ALA D 391 -15.23 6.10 29.03
C ALA D 391 -16.33 5.26 28.41
N LEU D 392 -17.13 4.59 29.26
CA LEU D 392 -18.26 3.83 28.75
C LEU D 392 -19.30 4.75 28.12
N ASP D 393 -19.58 5.89 28.74
CA ASP D 393 -20.52 6.84 28.17
C ASP D 393 -20.03 7.39 26.84
N ALA D 394 -18.73 7.70 26.75
CA ALA D 394 -18.18 8.14 25.47
C ALA D 394 -18.18 7.03 24.44
N GLN D 395 -17.99 5.78 24.88
CA GLN D 395 -18.03 4.66 23.95
C GLN D 395 -19.41 4.50 23.35
N LYS D 396 -20.46 4.60 24.17
CA LYS D 396 -21.82 4.53 23.65
C LYS D 396 -22.19 5.77 22.85
N ALA D 397 -21.66 6.93 23.23
CA ALA D 397 -21.92 8.16 22.48
C ALA D 397 -21.28 8.15 21.10
N SER D 398 -20.35 7.24 20.85
CA SER D 398 -19.75 7.13 19.52
C SER D 398 -20.77 6.67 18.48
N GLY D 399 -21.75 5.87 18.91
N GLY D 399 -21.74 5.86 18.91
CA GLY D 399 -22.76 5.36 18.00
CA GLY D 399 -22.76 5.36 18.00
C GLY D 399 -23.88 6.35 17.75
C GLY D 399 -23.88 6.35 17.76
N SER D 400 -23.55 7.54 17.26
CA SER D 400 -24.56 8.55 16.95
C SER D 400 -24.28 9.31 15.66
N GLY D 401 -23.24 8.95 14.91
CA GLY D 401 -22.94 9.62 13.67
C GLY D 401 -22.43 8.63 12.64
N SER D 402 -22.49 9.04 11.37
CA SER D 402 -22.13 8.10 10.32
C SER D 402 -20.61 7.91 10.25
N PRO D 403 -19.80 8.97 9.97
CA PRO D 403 -18.35 8.74 9.91
C PRO D 403 -17.69 8.87 11.27
N GLU D 404 -18.32 8.34 12.32
CA GLU D 404 -17.75 8.38 13.65
C GLU D 404 -18.03 7.11 14.44
N MET D 405 -18.48 6.05 13.79
CA MET D 405 -18.88 4.82 14.47
C MET D 405 -18.02 3.62 14.11
N LYS D 406 -17.68 3.45 12.84
CA LYS D 406 -16.86 2.31 12.42
C LYS D 406 -15.37 2.53 12.64
N ASP D 407 -14.97 3.73 13.07
CA ASP D 407 -13.57 4.06 13.25
C ASP D 407 -13.21 4.51 14.66
N PHE D 408 -14.13 5.17 15.37
CA PHE D 408 -13.89 5.69 16.70
C PHE D 408 -14.39 4.75 17.79
N ARG D 409 -14.83 3.55 17.44
CA ARG D 409 -15.39 2.61 18.41
C ARG D 409 -14.40 1.54 18.84
N HIS D 410 -13.49 1.13 17.96
CA HIS D 410 -12.53 0.08 18.30
C HIS D 410 -11.58 0.54 19.41
N GLY D 411 -11.12 1.79 19.34
CA GLY D 411 -10.12 2.26 20.27
C GLY D 411 -10.56 2.22 21.71
N PHE D 412 -11.87 2.41 21.96
CA PHE D 412 -12.36 2.48 23.33
C PHE D 412 -12.18 1.18 24.09
N ASP D 413 -11.92 0.07 23.41
CA ASP D 413 -11.61 -1.17 24.10
C ASP D 413 -10.30 -1.04 24.88
N ILE D 414 -9.31 -0.36 24.31
CA ILE D 414 -8.06 -0.15 25.01
C ILE D 414 -8.26 0.79 26.19
N LEU D 415 -9.03 1.87 25.99
CA LEU D 415 -9.20 2.85 27.05
C LEU D 415 -9.96 2.28 28.24
N VAL D 416 -11.00 1.50 27.99
CA VAL D 416 -11.73 0.87 29.09
C VAL D 416 -10.88 -0.20 29.75
N GLY D 417 -10.13 -0.97 28.96
CA GLY D 417 -9.28 -2.01 29.52
C GLY D 417 -8.19 -1.45 30.42
N GLN D 418 -7.52 -0.39 29.95
CA GLN D 418 -6.45 0.22 30.74
C GLN D 418 -6.99 0.81 32.04
N ILE D 419 -8.18 1.41 31.99
CA ILE D 419 -8.81 1.90 33.21
C ILE D 419 -9.11 0.75 34.17
N ASP D 420 -9.62 -0.36 33.63
CA ASP D 420 -9.81 -1.54 34.47
C ASP D 420 -8.49 -2.09 34.97
N ASP D 421 -7.41 -1.96 34.18
CA ASP D 421 -6.09 -2.38 34.65
C ASP D 421 -5.67 -1.57 35.89
N ALA D 422 -5.87 -0.26 35.85
CA ALA D 422 -5.53 0.57 37.01
C ALA D 422 -6.54 0.38 38.14
N LEU D 423 -7.80 0.17 37.80
CA LEU D 423 -8.84 0.07 38.82
C LEU D 423 -8.62 -1.13 39.71
N LYS D 424 -8.25 -2.28 39.13
CA LYS D 424 -7.99 -3.46 39.93
C LYS D 424 -6.78 -3.25 40.83
N LEU D 425 -5.75 -2.57 40.33
CA LEU D 425 -4.59 -2.24 41.16
C LEU D 425 -4.96 -1.25 42.26
N ALA D 426 -5.88 -0.32 41.95
CA ALA D 426 -6.32 0.63 42.96
C ALA D 426 -7.06 -0.07 44.10
N ASN D 427 -7.92 -1.03 43.77
CA ASN D 427 -8.68 -1.74 44.79
C ASN D 427 -7.76 -2.51 45.73
N GLU D 428 -6.71 -3.13 45.18
CA GLU D 428 -5.77 -3.89 45.98
C GLU D 428 -4.94 -3.02 46.91
N GLY D 429 -4.95 -1.70 46.72
CA GLY D 429 -4.19 -0.79 47.56
C GLY D 429 -2.82 -0.43 47.04
N LYS D 430 -2.36 -1.05 45.94
CA LYS D 430 -1.06 -0.74 45.37
C LYS D 430 -1.16 0.60 44.64
N VAL D 431 -1.16 1.68 45.42
CA VAL D 431 -1.34 3.02 44.86
C VAL D 431 -0.19 3.39 43.94
N LYS D 432 1.04 3.06 44.33
CA LYS D 432 2.20 3.39 43.51
C LYS D 432 2.10 2.76 42.12
N GLU D 433 1.71 1.49 42.07
CA GLU D 433 1.43 0.85 40.79
C GLU D 433 0.22 1.50 40.12
N ALA D 434 -0.82 1.81 40.90
CA ALA D 434 -2.04 2.39 40.34
C ALA D 434 -1.75 3.71 39.65
N GLN D 435 -0.94 4.56 40.28
CA GLN D 435 -0.52 5.80 39.62
C GLN D 435 0.34 5.51 38.39
N ALA D 436 1.24 4.54 38.49
CA ALA D 436 2.04 4.18 37.32
C ALA D 436 1.18 3.62 36.20
N ALA D 437 0.20 2.77 36.54
CA ALA D 437 -0.71 2.24 35.53
C ALA D 437 -1.53 3.36 34.90
N ALA D 438 -2.00 4.31 35.71
CA ALA D 438 -2.75 5.44 35.19
C ALA D 438 -1.86 6.37 34.38
N GLU D 439 -0.56 6.41 34.68
CA GLU D 439 0.35 7.31 33.97
C GLU D 439 0.38 7.00 32.49
N GLN D 440 0.27 5.72 32.12
CA GLN D 440 0.26 5.35 30.71
C GLN D 440 -1.00 5.81 29.99
N LEU D 441 -2.04 6.19 30.73
CA LEU D 441 -3.28 6.64 30.10
C LEU D 441 -3.11 7.94 29.33
N LYS D 442 -2.10 8.74 29.66
CA LYS D 442 -1.86 9.98 28.94
C LYS D 442 -1.47 9.75 27.50
N THR D 443 -0.92 8.57 27.18
CA THR D 443 -0.69 8.22 25.78
C THR D 443 -1.97 7.84 25.07
N THR D 444 -2.95 7.32 25.81
CA THR D 444 -4.28 7.08 25.24
C THR D 444 -5.01 8.40 25.02
N ARG D 445 -4.96 9.29 26.01
CA ARG D 445 -5.59 10.60 25.88
C ARG D 445 -4.96 11.41 24.76
N ASN D 446 -3.63 11.37 24.65
CA ASN D 446 -2.95 12.11 23.58
C ASN D 446 -3.32 11.56 22.21
N ALA D 447 -3.54 10.26 22.10
CA ALA D 447 -4.01 9.67 20.85
C ALA D 447 -5.52 9.74 20.70
N TYR D 448 -6.25 10.07 21.76
CA TYR D 448 -7.69 10.24 21.65
C TYR D 448 -8.05 11.44 20.79
N ILE D 449 -7.36 12.56 20.99
CA ILE D 449 -7.72 13.78 20.28
C ILE D 449 -7.32 13.72 18.82
N GLN D 450 -6.16 13.15 18.53
CA GLN D 450 -5.67 13.12 17.14
C GLN D 450 -6.61 12.35 16.23
N LYS D 451 -7.09 11.19 16.69
CA LYS D 451 -8.08 10.47 15.91
C LYS D 451 -9.42 11.21 15.90
N TYR D 452 -9.70 11.95 16.97
CA TYR D 452 -10.91 12.77 17.01
C TYR D 452 -10.80 13.94 16.03
N LEU D 453 -9.66 14.65 16.05
CA LEU D 453 -9.48 15.75 15.12
C LEU D 453 -9.43 15.27 13.67
N LEU D 454 -8.78 14.13 13.43
CA LEU D 454 -8.76 13.58 12.08
C LEU D 454 -10.16 13.21 11.61
N ILE D 455 -10.96 12.59 12.49
CA ILE D 455 -12.32 12.25 12.12
C ILE D 455 -13.18 13.50 12.00
N ARG D 456 -13.02 14.45 12.94
CA ARG D 456 -13.82 15.67 12.89
C ARG D 456 -13.51 16.48 11.63
N LEU D 457 -12.26 16.47 11.18
CA LEU D 457 -11.95 17.12 9.91
C LEU D 457 -12.63 16.40 8.75
N ARG D 458 -12.71 15.07 8.81
CA ARG D 458 -13.34 14.32 7.73
C ARG D 458 -14.85 14.49 7.71
N THR D 459 -15.49 14.62 8.88
CA THR D 459 -16.94 14.76 8.91
C THR D 459 -17.38 16.14 8.45
N LYS D 460 -16.50 17.14 8.48
CA LYS D 460 -16.81 18.42 7.86
C LYS D 460 -16.69 18.36 6.35
N ARG D 461 -15.74 17.56 5.84
CA ARG D 461 -15.63 17.37 4.41
C ARG D 461 -16.88 16.73 3.82
N VAL D 462 -17.42 15.72 4.51
CA VAL D 462 -18.63 15.06 4.04
C VAL D 462 -19.80 16.02 4.04
N THR D 463 -19.95 16.79 5.13
CA THR D 463 -21.09 17.70 5.25
C THR D 463 -21.00 18.83 4.23
N ARG D 464 -19.82 19.43 4.06
CA ARG D 464 -19.68 20.53 3.13
C ARG D 464 -19.94 20.08 1.70
N THR D 465 -19.41 18.92 1.32
CA THR D 465 -19.65 18.39 -0.03
C THR D 465 -21.14 18.12 -0.26
N ALA D 466 -21.80 17.53 0.74
CA ALA D 466 -23.23 17.26 0.61
C ALA D 466 -24.03 18.55 0.47
N ILE D 467 -23.68 19.57 1.26
CA ILE D 467 -24.40 20.84 1.17
C ILE D 467 -24.06 21.56 -0.13
N ALA D 468 -22.79 21.52 -0.55
CA ALA D 468 -22.39 22.25 -1.75
C ALA D 468 -23.16 21.78 -2.98
N ILE D 469 -23.34 20.47 -3.11
CA ILE D 469 -24.14 19.94 -4.22
C ILE D 469 -25.57 20.46 -4.15
N CYS D 470 -26.19 20.38 -2.98
CA CYS D 470 -27.54 20.89 -2.82
C CYS D 470 -27.60 22.40 -2.97
N LEU D 471 -26.61 23.11 -2.41
CA LEU D 471 -26.65 24.57 -2.43
C LEU D 471 -26.50 25.12 -3.83
N VAL D 472 -25.71 24.47 -4.69
CA VAL D 472 -25.50 24.96 -6.04
C VAL D 472 -26.82 24.99 -6.80
N PHE D 473 -27.63 23.93 -6.69
CA PHE D 473 -28.86 23.85 -7.46
C PHE D 473 -29.84 24.95 -7.04
N PHE D 474 -30.00 25.17 -5.74
CA PHE D 474 -30.97 26.15 -5.26
C PHE D 474 -30.46 27.58 -5.35
N VAL D 475 -29.21 27.78 -5.72
CA VAL D 475 -28.67 29.11 -5.95
C VAL D 475 -28.70 29.49 -7.43
N CYS D 476 -28.31 28.56 -8.30
CA CYS D 476 -28.33 28.84 -9.74
C CYS D 476 -29.74 29.15 -10.24
N TRP D 477 -30.72 28.39 -9.76
CA TRP D 477 -32.10 28.55 -10.20
C TRP D 477 -32.87 29.58 -9.37
N ALA D 478 -32.26 30.14 -8.33
CA ALA D 478 -32.95 31.16 -7.55
C ALA D 478 -33.29 32.40 -8.36
N PRO D 479 -32.37 33.03 -9.11
CA PRO D 479 -32.76 34.22 -9.88
C PRO D 479 -33.81 33.93 -10.94
N TYR D 480 -33.81 32.73 -11.54
CA TYR D 480 -34.79 32.41 -12.57
C TYR D 480 -36.21 32.44 -12.01
N TYR D 481 -36.42 31.88 -10.83
CA TYR D 481 -37.74 31.91 -10.22
C TYR D 481 -38.11 33.30 -9.71
N VAL D 482 -37.13 34.17 -9.47
CA VAL D 482 -37.42 35.56 -9.12
C VAL D 482 -38.13 36.25 -10.28
N LEU D 483 -37.59 36.11 -11.49
CA LEU D 483 -38.24 36.67 -12.66
C LEU D 483 -39.54 35.95 -12.96
N GLN D 484 -39.58 34.62 -12.74
CA GLN D 484 -40.79 33.85 -13.03
C GLN D 484 -41.97 34.33 -12.19
N LEU D 485 -41.73 34.63 -10.90
CA LEU D 485 -42.77 35.24 -10.08
C LEU D 485 -42.96 36.71 -10.44
N THR D 486 -41.88 37.39 -10.83
CA THR D 486 -41.99 38.80 -11.21
C THR D 486 -42.84 38.97 -12.47
N GLN D 487 -42.66 38.10 -13.45
CA GLN D 487 -43.43 38.22 -14.70
C GLN D 487 -44.92 37.97 -14.47
N LEU D 488 -45.29 37.32 -13.37
CA LEU D 488 -46.71 37.21 -13.02
C LEU D 488 -47.30 38.59 -12.74
N SER D 489 -46.58 39.42 -11.99
CA SER D 489 -47.04 40.79 -11.74
C SER D 489 -46.83 41.66 -12.97
N ILE D 490 -45.69 41.51 -13.65
CA ILE D 490 -45.39 42.29 -14.85
C ILE D 490 -45.53 41.39 -16.06
N SER D 491 -46.71 41.37 -16.68
CA SER D 491 -46.95 40.50 -17.82
C SER D 491 -46.10 40.91 -19.02
N ARG D 492 -46.00 42.20 -19.29
CA ARG D 492 -45.27 42.67 -20.46
C ARG D 492 -43.77 42.69 -20.20
N PRO D 493 -42.97 41.97 -20.97
CA PRO D 493 -41.51 42.04 -20.79
C PRO D 493 -40.92 43.21 -21.54
N THR D 494 -39.83 43.74 -20.99
CA THR D 494 -39.10 44.84 -21.61
C THR D 494 -37.81 44.30 -22.23
N LEU D 495 -37.03 45.21 -22.81
CA LEU D 495 -35.77 44.81 -23.45
C LEU D 495 -34.80 44.23 -22.44
N THR D 496 -34.69 44.85 -21.26
CA THR D 496 -33.83 44.29 -20.22
C THR D 496 -34.39 42.98 -19.66
N PHE D 497 -35.72 42.85 -19.62
CA PHE D 497 -36.33 41.63 -19.09
C PHE D 497 -35.94 40.42 -19.92
N VAL D 498 -35.94 40.56 -21.25
CA VAL D 498 -35.55 39.44 -22.11
C VAL D 498 -34.11 39.06 -21.87
N TYR D 499 -33.21 40.05 -21.75
CA TYR D 499 -31.82 39.75 -21.45
C TYR D 499 -31.68 39.08 -20.09
N LEU D 500 -32.39 39.58 -19.08
CA LEU D 500 -32.37 38.95 -17.77
C LEU D 500 -32.96 37.55 -17.81
N TYR D 501 -34.05 37.37 -18.56
CA TYR D 501 -34.67 36.05 -18.66
C TYR D 501 -33.72 35.05 -19.32
N ASN D 502 -33.04 35.45 -20.39
CA ASN D 502 -32.06 34.58 -21.03
C ASN D 502 -30.87 34.32 -20.12
N ALA D 503 -30.40 35.36 -19.41
CA ALA D 503 -29.26 35.19 -18.52
C ALA D 503 -29.58 34.25 -17.37
N ALA D 504 -30.78 34.35 -16.81
CA ALA D 504 -31.15 33.53 -15.67
C ALA D 504 -31.17 32.05 -16.04
N ILE D 505 -31.71 31.72 -17.21
CA ILE D 505 -31.79 30.32 -17.63
C ILE D 505 -30.39 29.76 -17.87
N SER D 506 -29.48 30.58 -18.40
CA SER D 506 -28.12 30.12 -18.61
C SER D 506 -27.45 29.75 -17.30
N LEU D 507 -27.64 30.56 -16.25
CA LEU D 507 -27.14 30.22 -14.94
C LEU D 507 -27.81 28.97 -14.40
N GLY D 508 -29.12 28.82 -14.62
CA GLY D 508 -29.82 27.65 -14.12
C GLY D 508 -29.34 26.36 -14.75
N TYR D 509 -29.09 26.37 -16.06
CA TYR D 509 -28.60 25.18 -16.74
C TYR D 509 -27.12 24.94 -16.51
N ALA D 510 -26.40 25.89 -15.89
CA ALA D 510 -25.03 25.66 -15.51
C ALA D 510 -24.89 24.56 -14.46
N ASN D 511 -26.01 24.20 -13.80
CA ASN D 511 -25.99 23.10 -12.86
C ASN D 511 -25.63 21.77 -13.51
N SER D 512 -25.84 21.64 -14.83
CA SER D 512 -25.46 20.42 -15.52
C SER D 512 -23.95 20.19 -15.46
N CYS D 513 -23.17 21.27 -15.42
CA CYS D 513 -21.72 21.18 -15.45
C CYS D 513 -21.11 21.07 -14.06
N LEU D 514 -21.61 21.87 -13.10
CA LEU D 514 -20.98 21.95 -11.78
C LEU D 514 -21.14 20.64 -11.02
N ASN D 515 -22.36 20.08 -11.02
CA ASN D 515 -22.64 18.89 -10.21
C ASN D 515 -21.67 17.74 -10.43
N PRO D 516 -21.27 17.38 -11.67
CA PRO D 516 -20.21 16.38 -11.82
C PRO D 516 -18.83 16.95 -11.58
N PHE D 517 -18.62 18.21 -11.97
CA PHE D 517 -17.29 18.81 -11.87
C PHE D 517 -16.93 19.12 -10.42
N VAL D 518 -17.84 19.74 -9.67
CA VAL D 518 -17.54 20.14 -8.30
C VAL D 518 -17.37 18.92 -7.41
N TYR D 519 -18.16 17.87 -7.65
CA TYR D 519 -18.05 16.66 -6.86
C TYR D 519 -16.66 16.04 -7.00
N ILE D 520 -16.12 16.00 -8.22
CA ILE D 520 -14.79 15.45 -8.44
C ILE D 520 -13.73 16.35 -7.81
N VAL D 521 -13.93 17.67 -7.89
CA VAL D 521 -12.93 18.60 -7.36
C VAL D 521 -12.81 18.46 -5.86
N LEU D 522 -13.93 18.38 -5.16
CA LEU D 522 -13.92 18.35 -3.70
C LEU D 522 -13.68 16.93 -3.18
N CYS D 523 -12.67 16.26 -3.71
CA CYS D 523 -12.19 14.98 -3.18
C CYS D 523 -10.85 14.64 -3.80
N GLU D 524 -9.85 14.34 -2.97
CA GLU D 524 -8.51 14.08 -3.49
C GLU D 524 -8.38 12.70 -4.11
N THR D 525 -9.31 11.79 -3.86
CA THR D 525 -9.20 10.45 -4.43
C THR D 525 -9.53 10.46 -5.91
N PHE D 526 -10.52 11.24 -6.33
CA PHE D 526 -10.92 11.26 -7.73
C PHE D 526 -9.84 11.91 -8.60
N ARG D 527 -9.32 13.05 -8.17
CA ARG D 527 -8.31 13.73 -8.98
C ARG D 527 -7.01 12.95 -9.04
N LYS D 528 -6.71 12.15 -8.01
CA LYS D 528 -5.55 11.27 -8.08
C LYS D 528 -5.71 10.24 -9.18
N ARG D 529 -6.91 9.67 -9.30
CA ARG D 529 -7.19 8.72 -10.39
C ARG D 529 -7.15 9.42 -11.74
N LEU D 530 -7.73 10.62 -11.84
CA LEU D 530 -7.75 11.33 -13.12
C LEU D 530 -6.34 11.69 -13.58
N VAL D 531 -5.51 12.20 -12.66
CA VAL D 531 -4.12 12.49 -13.01
C VAL D 531 -3.41 11.20 -13.41
N LEU D 532 -3.64 10.12 -12.66
CA LEU D 532 -3.11 8.81 -13.04
C LEU D 532 -3.65 8.39 -14.40
N SER D 533 -4.98 8.45 -14.59
CA SER D 533 -5.58 7.94 -15.80
C SER D 533 -5.14 8.74 -17.03
N VAL D 534 -5.10 10.07 -16.91
CA VAL D 534 -4.71 10.91 -18.04
C VAL D 534 -3.27 10.64 -18.46
N LYS D 535 -2.37 10.57 -17.47
CA LYS D 535 -0.95 10.37 -17.79
C LYS D 535 -0.72 9.01 -18.44
N ILE D 536 -1.29 7.95 -17.86
CA ILE D 536 -1.05 6.61 -18.41
C ILE D 536 -1.68 6.48 -19.79
N ALA D 537 -2.87 7.05 -19.99
CA ALA D 537 -3.51 6.98 -21.30
C ALA D 537 -2.70 7.72 -22.35
N ALA D 538 -2.20 8.91 -22.01
CA ALA D 538 -1.34 9.65 -22.94
C ALA D 538 -0.03 8.93 -23.16
N LEU D 539 0.60 8.45 -22.08
CA LEU D 539 1.86 7.72 -22.20
C LEU D 539 1.67 6.44 -22.99
N LYS D 540 0.58 5.71 -22.74
CA LYS D 540 0.28 4.52 -23.53
C LYS D 540 0.10 4.87 -25.00
N GLU D 541 -0.56 5.99 -25.29
CA GLU D 541 -0.64 6.47 -26.66
C GLU D 541 0.73 6.92 -27.17
N LYS D 542 1.52 7.57 -26.30
CA LYS D 542 2.85 8.03 -26.71
C LYS D 542 3.76 6.86 -27.04
N ILE D 543 3.76 5.83 -26.19
CA ILE D 543 4.55 4.64 -26.50
C ILE D 543 3.97 3.90 -27.70
N ALA D 544 2.65 3.90 -27.85
CA ALA D 544 2.05 3.39 -29.08
C ALA D 544 2.48 4.24 -30.27
N ALA D 545 2.51 5.57 -30.10
CA ALA D 545 3.12 6.42 -31.10
C ALA D 545 4.60 6.10 -31.24
N LEU D 546 5.30 5.89 -30.12
CA LEU D 546 6.67 5.39 -30.17
C LEU D 546 6.73 4.02 -30.84
N LYS D 547 5.76 3.15 -30.54
CA LYS D 547 5.67 1.87 -31.23
C LYS D 547 5.54 2.03 -32.73
N GLU D 548 5.09 3.21 -33.18
CA GLU D 548 5.17 3.59 -34.59
C GLU D 548 6.43 4.40 -34.88
N LYS D 549 6.85 5.25 -33.94
CA LYS D 549 8.06 6.04 -34.13
C LYS D 549 9.31 5.16 -34.17
N ILE D 550 9.42 4.23 -33.21
CA ILE D 550 10.54 3.29 -33.26
C ILE D 550 10.38 2.32 -34.42
N ALA D 551 9.13 2.05 -34.82
CA ALA D 551 8.89 1.30 -36.04
C ALA D 551 9.37 2.08 -37.26
N ALA D 552 9.07 3.39 -37.30
CA ALA D 552 9.56 4.20 -38.41
C ALA D 552 11.08 4.15 -38.51
N LEU D 553 11.76 4.09 -37.37
CA LEU D 553 13.21 3.88 -37.37
C LEU D 553 13.56 2.47 -37.83
N LYS D 554 12.86 1.46 -37.30
CA LYS D 554 13.20 0.06 -37.54
C LYS D 554 12.36 -0.56 -38.65
N GLU D 555 11.04 -0.63 -38.47
CA GLU D 555 10.15 -1.28 -39.42
C GLU D 555 10.16 -0.59 -40.78
C13 A1D6T E . -29.85 20.15 -15.38
C15 A1D6T E . -37.79 23.59 -16.74
C20 A1D6T E . -38.75 26.01 -19.16
C21 A1D6T E . -38.05 26.47 -20.51
C22 A1D6T E . -37.70 25.53 -21.49
C24 A1D6T E . -36.80 27.31 -22.89
C26 A1D6T E . -37.77 27.84 -20.72
C28 A1D6T E . -34.99 26.96 -24.31
C01 A1D6T E . -36.74 25.69 -13.20
C02 A1D6T E . -35.93 24.44 -13.59
C03 A1D6T E . -36.06 23.87 -14.88
C04 A1D6T E . -35.32 22.74 -15.21
C05 A1D6T E . -34.45 22.16 -14.27
C06 A1D6T E . -34.32 22.73 -13.00
C07 A1D6T E . -35.06 23.86 -12.65
C09 A1D6T E . -32.16 21.07 -14.83
C11 A1D6T E . -31.35 19.80 -15.18
C12 A1D6T E . -31.50 18.76 -14.10
C14 A1D6T E . -37.05 24.54 -15.93
C16 A1D6T E . -38.70 24.34 -17.74
C18 A1D6T E . -37.12 26.19 -17.73
C19 A1D6T E . -36.22 25.38 -16.77
C23 A1D6T E . -37.09 25.94 -22.67
C25 A1D6T E . -37.14 28.25 -21.92
C29 A1D6T E . -33.92 27.09 -23.48
C30 A1D6T E . -32.76 26.33 -23.69
C31 A1D6T E . -32.70 25.47 -24.76
C32 A1D6T E . -33.78 25.35 -25.61
C33 A1D6T E . -34.93 26.09 -25.40
F34 A1D6T E . -31.58 24.73 -24.97
F35 A1D6T E . -31.70 26.45 -22.85
N08 A1D6T E . -33.66 20.96 -14.61
N17 A1D6T E . -37.97 25.33 -18.52
O10 A1D6T E . -31.62 22.11 -14.72
O27 A1D6T E . -36.17 27.74 -24.10
#